data_9JD1
#
_entry.id   9JD1
#
_cell.length_a   46.164
_cell.length_b   89.176
_cell.length_c   201.533
_cell.angle_alpha   90.00
_cell.angle_beta   90.00
_cell.angle_gamma   90.00
#
_symmetry.space_group_name_H-M   'P 21 21 21'
#
loop_
_entity.id
_entity.type
_entity.pdbx_description
1 polymer 'Transmembrane protease serine 2 catalytic chain'
2 polymer 'Light chain of Fab'
3 polymer 'Heavy chain of Fab'
4 polymer 'Transmembrane protease serine 2 non-catalytic chain'
5 branched alpha-D-mannopyranose-(1-3)-[alpha-D-mannopyranose-(1-6)]beta-D-mannopyranose-(1-4)-2-acetamido-2-deoxy-beta-D-glucopyranose-(1-4)-2-acetamido-2-deoxy-beta-D-glucopyranose
6 non-polymer '2-(N-MORPHOLINO)-ETHANESULFONIC ACID'
7 non-polymer GLYCEROL
8 non-polymer 'CALCIUM ION'
9 water water
#
loop_
_entity_poly.entity_id
_entity_poly.type
_entity_poly.pdbx_seq_one_letter_code
_entity_poly.pdbx_strand_id
1 'polypeptide(L)'
;IVGGESALPGAWPWQVSLHVQNVHVCGGSIITPEWIVTAAHCVEKPLNNPWHWTAFAGILRQSFMFYGAGYQVEKVISHP
NYDSKTKNNDIALMKLQKPLTFNDLVKPVCLPNPGMMLQPEQLCWISGWGATEEKGKTSEVLNAAKVLLIETQRCNSRYV
YDNLITPAMICAGFLQGNVDSCQGDSGGPLVTSKNNIWWLIGDTSWGSGCAKAYRPGVYGNVMVFTDWIYRQMRADGEFV
EHHHHHHHH
;
D
2 'polypeptide(L)'
;NFMLTQPHSMSESPGKTVTISCTRSSGSIASNYVQWYQQRPGSSPTTVIYDDNQRPSGVPDRFSGSIDSSSNSASLTISG
LKTEDEADYYCQSYDSSNVIFGGGTKLTVLRTVAAPSVFIFPPSDEQLKSGTASVVCLLNNFYPREAKVQWKVDNALQSG
NSQESVTEQDSKDSTYSLSSTLTLSKADYEKHKVYACEVTHQGLSSPVTKSFNRGEC
;
A
3 'polypeptide(L)'
;QVQLQESGGDLVQPGGSLRLSCAASGFTFSSSAMTWVRQAPGKGLEWVSDISRNGGSTNYADSVKGRFTISRDNSKNTLY
LQMNSLRAEDTAVYYCAREGYDFWSGRERRYYYYGMDVWGQGTLVTVSSASTKGPSVFPLAPSSKSTSGGTAALGCLVKD
YFPEPVTVSWNSGALTSGVHTFPAVLQSSGLYSLSSVVTVPSSSLGTQTYICNVNHKPSNTKVDKKVEPKSCGSHHHHHH
;
B
4 'polypeptide(L)'
;MGSKCSNSGIECDSSGTCINPSNWCDGVSHCPGGEDENRCVRLYGPNFILQVYSSQRKSWHPVCQDDWNENYGRAACRDM
GYKNNFYSSQGIVDDSGSTSFMKLNTSAGNVDIYKKLYHSDACSSKAVVSLRCIACGVNLNDDDDK
;
C
#
loop_
_chem_comp.id
_chem_comp.type
_chem_comp.name
_chem_comp.formula
BMA D-saccharide, beta linking beta-D-mannopyranose 'C6 H12 O6'
CA non-polymer 'CALCIUM ION' 'Ca 2'
GOL non-polymer GLYCEROL 'C3 H8 O3'
MAN D-saccharide, alpha linking alpha-D-mannopyranose 'C6 H12 O6'
MES non-polymer '2-(N-MORPHOLINO)-ETHANESULFONIC ACID' 'C6 H13 N O4 S'
NAG D-saccharide, beta linking 2-acetamido-2-deoxy-beta-D-glucopyranose 'C8 H15 N O6'
#
# COMPACT_ATOMS: atom_id res chain seq x y z
N ILE A 1 -4.51 10.44 -10.46
CA ILE A 1 -4.08 10.53 -11.85
C ILE A 1 -2.67 9.95 -12.00
N VAL A 2 -2.51 8.98 -12.91
CA VAL A 2 -1.22 8.38 -13.20
C VAL A 2 -0.63 9.03 -14.45
N GLY A 3 0.65 9.41 -14.38
CA GLY A 3 1.34 9.93 -15.54
C GLY A 3 0.97 11.33 -15.94
N GLY A 4 0.39 12.11 -15.04
CA GLY A 4 0.02 13.49 -15.30
C GLY A 4 1.00 14.47 -14.69
N GLU A 5 0.51 15.68 -14.46
CA GLU A 5 1.28 16.74 -13.83
C GLU A 5 0.38 17.51 -12.88
N SER A 6 0.99 18.27 -11.98
CA SER A 6 0.22 19.09 -11.05
C SER A 6 -0.50 20.20 -11.78
N ALA A 7 -1.73 20.50 -11.35
CA ALA A 7 -2.55 21.52 -11.99
C ALA A 7 -2.27 22.89 -11.42
N LEU A 8 -2.45 23.91 -12.25
CA LEU A 8 -2.32 25.29 -11.82
C LEU A 8 -3.67 25.83 -11.33
N PRO A 9 -3.66 26.91 -10.54
CA PRO A 9 -4.93 27.52 -10.14
C PRO A 9 -5.74 27.94 -11.36
N GLY A 10 -7.05 27.67 -11.31
CA GLY A 10 -7.95 28.01 -12.39
C GLY A 10 -7.87 27.13 -13.61
N ALA A 11 -7.00 26.12 -13.63
CA ALA A 11 -6.89 25.26 -14.81
C ALA A 11 -8.13 24.39 -14.98
N TRP A 12 -8.64 23.83 -13.88
CA TRP A 12 -9.83 22.98 -13.90
C TRP A 12 -10.78 23.49 -12.83
N PRO A 13 -11.43 24.63 -13.07
CA PRO A 13 -12.20 25.28 -12.00
C PRO A 13 -13.49 24.56 -11.63
N TRP A 14 -13.89 23.55 -12.41
CA TRP A 14 -15.05 22.75 -12.08
C TRP A 14 -14.72 21.58 -11.16
N GLN A 15 -13.44 21.27 -10.98
CA GLN A 15 -13.05 20.14 -10.15
C GLN A 15 -13.34 20.41 -8.68
N VAL A 16 -13.98 19.46 -8.00
CA VAL A 16 -14.18 19.54 -6.56
C VAL A 16 -13.64 18.29 -5.89
N SER A 17 -13.26 18.45 -4.62
CA SER A 17 -12.85 17.38 -3.75
C SER A 17 -13.97 17.12 -2.75
N LEU A 18 -14.50 15.90 -2.76
CA LEU A 18 -15.64 15.53 -1.92
C LEU A 18 -15.13 14.77 -0.70
N HIS A 19 -15.46 15.26 0.49
CA HIS A 19 -14.90 14.76 1.74
C HIS A 19 -15.95 14.07 2.59
N VAL A 20 -15.51 13.04 3.32
CA VAL A 20 -16.29 12.40 4.37
C VAL A 20 -15.36 12.23 5.55
N GLN A 21 -15.82 12.62 6.74
CA GLN A 21 -15.01 12.55 7.96
C GLN A 21 -13.66 13.21 7.75
N ASN A 22 -13.68 14.37 7.09
CA ASN A 22 -12.54 15.27 6.99
C ASN A 22 -11.41 14.72 6.11
N VAL A 23 -11.73 13.80 5.20
CA VAL A 23 -10.74 13.27 4.26
C VAL A 23 -11.37 13.16 2.87
N HIS A 24 -10.54 13.39 1.83
CA HIS A 24 -10.97 13.21 0.45
C HIS A 24 -11.41 11.78 0.21
N VAL A 25 -12.58 11.62 -0.42
CA VAL A 25 -13.08 10.31 -0.83
C VAL A 25 -13.22 10.23 -2.35
N CYS A 26 -13.86 11.22 -2.96
CA CYS A 26 -14.12 11.19 -4.39
C CYS A 26 -14.00 12.57 -5.00
N GLY A 27 -13.91 12.60 -6.32
CA GLY A 27 -13.97 13.85 -7.07
C GLY A 27 -15.37 14.08 -7.64
N GLY A 28 -15.54 15.29 -8.19
CA GLY A 28 -16.80 15.69 -8.81
C GLY A 28 -16.57 16.89 -9.72
N SER A 29 -17.61 17.25 -10.46
CA SER A 29 -17.57 18.34 -11.43
C SER A 29 -18.73 19.29 -11.21
N ILE A 30 -18.42 20.58 -11.11
CA ILE A 30 -19.44 21.63 -10.95
C ILE A 30 -20.15 21.84 -12.27
N ILE A 31 -21.49 21.83 -12.25
CA ILE A 31 -22.27 22.13 -13.45
C ILE A 31 -23.16 23.36 -13.25
N THR A 32 -23.56 23.63 -11.99
CA THR A 32 -24.24 24.89 -11.62
C THR A 32 -23.70 25.33 -10.26
N PRO A 33 -24.07 26.51 -9.75
CA PRO A 33 -23.61 26.88 -8.39
C PRO A 33 -24.02 25.91 -7.30
N GLU A 34 -25.03 25.06 -7.54
CA GLU A 34 -25.51 24.15 -6.52
C GLU A 34 -25.29 22.68 -6.84
N TRP A 35 -25.04 22.33 -8.09
CA TRP A 35 -25.10 20.95 -8.53
C TRP A 35 -23.71 20.46 -8.93
N ILE A 36 -23.37 19.27 -8.44
CA ILE A 36 -22.09 18.62 -8.72
C ILE A 36 -22.39 17.23 -9.26
N VAL A 37 -21.70 16.85 -10.33
CA VAL A 37 -21.80 15.51 -10.90
C VAL A 37 -20.69 14.65 -10.31
N THR A 38 -21.04 13.45 -9.85
CA THR A 38 -20.06 12.51 -9.31
C THR A 38 -20.49 11.09 -9.71
N ALA A 39 -19.83 10.10 -9.15
CA ALA A 39 -20.09 8.70 -9.48
C ALA A 39 -20.97 8.05 -8.43
N ALA A 40 -21.92 7.24 -8.90
CA ALA A 40 -22.82 6.54 -7.99
C ALA A 40 -22.09 5.61 -7.03
N HIS A 41 -20.95 5.05 -7.43
CA HIS A 41 -20.29 4.12 -6.52
C HIS A 41 -19.64 4.83 -5.35
N CYS A 42 -19.52 6.16 -5.40
CA CYS A 42 -19.00 6.92 -4.28
C CYS A 42 -20.01 7.10 -3.17
N VAL A 43 -21.31 7.00 -3.48
CA VAL A 43 -22.36 7.32 -2.52
C VAL A 43 -23.20 6.07 -2.25
N GLU A 44 -22.58 4.90 -2.36
CA GLU A 44 -23.24 3.69 -1.90
C GLU A 44 -23.39 3.73 -0.38
N LYS A 45 -24.38 2.99 0.11
CA LYS A 45 -24.63 2.95 1.55
C LYS A 45 -23.35 2.57 2.29
N PRO A 46 -23.07 3.17 3.46
CA PRO A 46 -23.89 4.17 4.17
C PRO A 46 -23.67 5.60 3.70
N LEU A 47 -22.85 5.79 2.67
CA LEU A 47 -22.49 7.12 2.21
C LEU A 47 -23.53 7.72 1.26
N ASN A 48 -24.76 7.20 1.27
CA ASN A 48 -25.85 7.79 0.49
C ASN A 48 -26.49 8.98 1.19
N ASN A 49 -26.19 9.19 2.47
CA ASN A 49 -26.77 10.28 3.24
C ASN A 49 -26.03 11.58 2.99
N PRO A 50 -26.72 12.67 2.65
CA PRO A 50 -26.01 13.90 2.30
C PRO A 50 -25.22 14.50 3.45
N TRP A 51 -25.64 14.32 4.70
CA TRP A 51 -24.97 15.00 5.80
C TRP A 51 -23.53 14.53 6.00
N HIS A 52 -23.14 13.39 5.41
CA HIS A 52 -21.76 12.94 5.48
C HIS A 52 -20.81 13.79 4.66
N TRP A 53 -21.30 14.48 3.63
CA TRP A 53 -20.47 14.98 2.53
C TRP A 53 -20.27 16.48 2.59
N THR A 54 -19.05 16.91 2.27
CA THR A 54 -18.72 18.31 2.04
C THR A 54 -17.89 18.42 0.77
N ALA A 55 -18.06 19.53 0.04
CA ALA A 55 -17.34 19.76 -1.20
C ALA A 55 -16.37 20.92 -1.04
N PHE A 56 -15.19 20.77 -1.62
CA PHE A 56 -14.18 21.83 -1.62
C PHE A 56 -13.89 22.25 -3.05
N ALA A 57 -14.08 23.53 -3.35
CA ALA A 57 -13.87 24.09 -4.68
C ALA A 57 -12.73 25.10 -4.65
N GLY A 58 -12.10 25.28 -5.80
CA GLY A 58 -11.06 26.28 -6.00
C GLY A 58 -9.79 26.10 -5.18
N ILE A 59 -9.59 24.93 -4.58
CA ILE A 59 -8.42 24.65 -3.75
C ILE A 59 -7.67 23.48 -4.34
N LEU A 60 -6.35 23.63 -4.51
CA LEU A 60 -5.54 22.61 -5.16
C LEU A 60 -5.00 21.58 -4.18
N ARG A 61 -4.86 21.96 -2.91
CA ARG A 61 -4.12 21.19 -1.92
C ARG A 61 -5.05 20.67 -0.83
N GLN A 62 -4.97 19.37 -0.54
CA GLN A 62 -5.81 18.80 0.50
C GLN A 62 -5.52 19.41 1.87
N SER A 63 -4.27 19.78 2.12
CA SER A 63 -3.95 20.43 3.40
C SER A 63 -4.70 21.74 3.56
N PHE A 64 -5.05 22.39 2.46
CA PHE A 64 -5.71 23.68 2.54
C PHE A 64 -7.24 23.56 2.51
N MET A 65 -7.78 22.35 2.57
CA MET A 65 -9.23 22.18 2.71
C MET A 65 -9.55 22.03 4.19
N PHE A 66 -9.83 23.17 4.82
CA PHE A 66 -10.02 23.21 6.27
C PHE A 66 -11.39 22.64 6.64
N TYR A 67 -11.42 21.86 7.71
CA TYR A 67 -12.69 21.38 8.24
C TYR A 67 -13.57 22.56 8.63
N GLY A 68 -14.84 22.49 8.23
CA GLY A 68 -15.77 23.56 8.47
C GLY A 68 -15.87 24.60 7.36
N ALA A 69 -14.92 24.62 6.42
CA ALA A 69 -14.96 25.55 5.29
C ALA A 69 -15.53 24.95 4.02
N GLY A 70 -15.72 23.62 3.98
CA GLY A 70 -16.31 23.02 2.81
C GLY A 70 -17.80 23.25 2.73
N TYR A 71 -18.32 23.18 1.50
CA TYR A 71 -19.74 23.37 1.27
C TYR A 71 -20.50 22.10 1.64
N GLN A 72 -21.42 22.21 2.60
CA GLN A 72 -22.19 21.06 3.03
C GLN A 72 -23.14 20.61 1.93
N VAL A 73 -23.26 19.30 1.76
CA VAL A 73 -24.13 18.73 0.73
C VAL A 73 -25.53 18.57 1.30
N GLU A 74 -26.53 18.98 0.54
CA GLU A 74 -27.92 18.92 0.96
C GLU A 74 -28.66 17.70 0.41
N LYS A 75 -28.34 17.28 -0.81
CA LYS A 75 -29.04 16.18 -1.46
C LYS A 75 -28.04 15.30 -2.20
N VAL A 76 -28.27 13.99 -2.16
CA VAL A 76 -27.48 13.01 -2.90
C VAL A 76 -28.44 12.13 -3.69
N ILE A 77 -28.23 12.04 -5.00
CA ILE A 77 -29.13 11.29 -5.89
C ILE A 77 -28.29 10.37 -6.76
N SER A 78 -28.40 9.06 -6.55
CA SER A 78 -27.81 8.09 -7.45
C SER A 78 -28.75 7.81 -8.61
N HIS A 79 -28.18 7.47 -9.75
CA HIS A 79 -29.00 7.11 -10.91
C HIS A 79 -29.87 5.92 -10.55
N PRO A 80 -31.17 5.96 -10.86
CA PRO A 80 -32.07 4.87 -10.44
C PRO A 80 -31.72 3.52 -11.04
N ASN A 81 -31.03 3.48 -12.18
CA ASN A 81 -30.66 2.22 -12.82
C ASN A 81 -29.22 1.82 -12.52
N TYR A 82 -28.60 2.45 -11.51
CA TYR A 82 -27.24 2.09 -11.12
C TYR A 82 -27.19 0.66 -10.60
N ASP A 83 -26.24 -0.12 -11.12
CA ASP A 83 -26.03 -1.50 -10.70
C ASP A 83 -24.63 -1.56 -10.08
N SER A 84 -24.57 -1.75 -8.76
CA SER A 84 -23.29 -1.69 -8.08
C SER A 84 -22.37 -2.83 -8.51
N LYS A 85 -22.93 -3.99 -8.87
CA LYS A 85 -22.07 -5.11 -9.21
C LYS A 85 -21.36 -4.88 -10.54
N THR A 86 -22.09 -4.40 -11.55
CA THR A 86 -21.51 -4.18 -12.88
C THR A 86 -21.07 -2.74 -13.10
N LYS A 87 -21.40 -1.82 -12.19
CA LYS A 87 -21.08 -0.40 -12.30
C LYS A 87 -21.79 0.27 -13.47
N ASN A 88 -22.85 -0.35 -13.99
CA ASN A 88 -23.60 0.28 -15.06
C ASN A 88 -24.35 1.49 -14.50
N ASN A 89 -24.39 2.56 -15.29
CA ASN A 89 -25.05 3.81 -14.92
C ASN A 89 -24.44 4.39 -13.65
N ASP A 90 -23.11 4.43 -13.61
CA ASP A 90 -22.36 4.89 -12.44
C ASP A 90 -22.26 6.42 -12.46
N ILE A 91 -23.37 7.06 -12.10
CA ILE A 91 -23.41 8.52 -12.03
C ILE A 91 -24.33 8.92 -10.88
N ALA A 92 -24.00 10.04 -10.24
CA ALA A 92 -24.78 10.56 -9.13
C ALA A 92 -24.69 12.07 -9.14
N LEU A 93 -25.71 12.70 -8.55
CA LEU A 93 -25.75 14.14 -8.39
C LEU A 93 -25.68 14.52 -6.91
N MET A 94 -25.05 15.65 -6.65
CA MET A 94 -24.86 16.18 -5.32
C MET A 94 -25.31 17.63 -5.39
N LYS A 95 -26.27 18.00 -4.53
CA LYS A 95 -26.76 19.37 -4.46
C LYS A 95 -26.26 20.03 -3.17
N LEU A 96 -25.74 21.23 -3.28
CA LEU A 96 -25.17 21.92 -2.10
C LEU A 96 -26.26 22.66 -1.32
N GLN A 97 -26.04 22.84 -0.02
CA GLN A 97 -26.98 23.59 0.84
C GLN A 97 -26.86 25.08 0.51
N LYS A 98 -25.66 25.50 0.17
CA LYS A 98 -25.39 26.93 -0.18
C LYS A 98 -24.77 27.00 -1.56
N PRO A 99 -25.20 27.95 -2.42
CA PRO A 99 -24.64 28.08 -3.75
C PRO A 99 -23.18 28.52 -3.76
N LEU A 100 -22.40 27.96 -4.68
CA LEU A 100 -21.02 28.36 -4.83
C LEU A 100 -20.95 29.79 -5.37
N THR A 101 -19.79 30.43 -5.16
CA THR A 101 -19.52 31.76 -5.68
C THR A 101 -18.47 31.61 -6.78
N PHE A 102 -18.88 31.82 -8.03
CA PHE A 102 -17.97 31.62 -9.15
C PHE A 102 -16.95 32.75 -9.22
N ASN A 103 -15.76 32.36 -9.67
CA ASN A 103 -14.65 33.32 -9.77
C ASN A 103 -13.62 32.74 -10.75
N ASP A 104 -12.39 33.23 -10.71
CA ASP A 104 -11.33 32.69 -11.56
C ASP A 104 -10.93 31.28 -11.18
N LEU A 105 -11.28 30.82 -9.98
CA LEU A 105 -10.88 29.50 -9.50
C LEU A 105 -12.03 28.50 -9.45
N VAL A 106 -13.27 28.97 -9.49
CA VAL A 106 -14.45 28.12 -9.36
C VAL A 106 -15.39 28.49 -10.50
N LYS A 107 -15.55 27.59 -11.47
CA LYS A 107 -16.45 27.79 -12.60
C LYS A 107 -17.07 26.46 -12.98
N PRO A 108 -18.26 26.47 -13.58
CA PRO A 108 -18.87 25.22 -14.02
C PRO A 108 -18.36 24.77 -15.38
N VAL A 109 -18.42 23.45 -15.60
CA VAL A 109 -18.17 22.85 -16.90
C VAL A 109 -19.50 22.67 -17.60
N CYS A 110 -19.49 22.68 -18.93
CA CYS A 110 -20.72 22.59 -19.70
C CYS A 110 -21.18 21.14 -19.81
N LEU A 111 -22.47 20.93 -19.64
CA LEU A 111 -23.05 19.63 -19.93
C LEU A 111 -23.01 19.39 -21.44
N PRO A 112 -22.77 18.15 -21.88
CA PRO A 112 -22.67 17.90 -23.32
C PRO A 112 -24.03 18.00 -23.98
N ASN A 113 -24.03 18.47 -25.20
CA ASN A 113 -25.21 18.53 -26.04
C ASN A 113 -25.26 17.34 -26.98
N PRO A 114 -26.46 16.92 -27.39
CA PRO A 114 -26.55 15.97 -28.51
C PRO A 114 -25.93 16.60 -29.75
N GLY A 115 -25.35 15.75 -30.60
CA GLY A 115 -24.73 16.22 -31.82
C GLY A 115 -23.36 16.84 -31.62
N MET A 116 -22.60 16.41 -30.62
CA MET A 116 -21.27 16.95 -30.40
C MET A 116 -20.33 16.64 -31.55
N MET A 117 -20.58 15.54 -32.26
CA MET A 117 -19.72 15.09 -33.36
C MET A 117 -18.26 15.01 -32.92
N LEU A 118 -18.04 14.37 -31.78
CA LEU A 118 -16.70 14.17 -31.28
C LEU A 118 -15.96 13.16 -32.16
N GLN A 119 -14.65 13.35 -32.29
CA GLN A 119 -13.84 12.39 -33.02
C GLN A 119 -13.79 11.06 -32.28
N PRO A 120 -13.58 9.95 -33.02
CA PRO A 120 -13.51 8.64 -32.34
C PRO A 120 -12.43 8.57 -31.27
N GLU A 121 -11.27 9.17 -31.52
CA GLU A 121 -10.19 9.20 -30.54
C GLU A 121 -9.99 10.62 -30.03
N GLN A 122 -11.10 11.28 -29.66
CA GLN A 122 -11.08 12.66 -29.21
C GLN A 122 -10.09 12.87 -28.08
N LEU A 123 -9.37 13.99 -28.13
CA LEU A 123 -8.40 14.33 -27.10
C LEU A 123 -9.13 14.91 -25.89
N CYS A 124 -8.88 14.32 -24.72
CA CYS A 124 -9.59 14.68 -23.50
C CYS A 124 -8.60 14.94 -22.36
N TRP A 125 -9.13 15.43 -21.25
CA TRP A 125 -8.39 15.59 -20.01
C TRP A 125 -9.11 14.89 -18.86
N ILE A 126 -8.32 14.41 -17.90
CA ILE A 126 -8.82 13.91 -16.62
C ILE A 126 -8.05 14.63 -15.52
N SER A 127 -8.71 14.80 -14.36
CA SER A 127 -8.06 15.45 -13.23
C SER A 127 -8.61 14.89 -11.93
N GLY A 128 -7.82 14.97 -10.87
CA GLY A 128 -8.29 14.59 -9.55
C GLY A 128 -7.14 14.43 -8.58
N TRP A 129 -7.50 14.07 -7.35
CA TRP A 129 -6.54 13.79 -6.29
C TRP A 129 -6.28 12.29 -6.12
N GLY A 130 -6.58 11.50 -7.14
CA GLY A 130 -6.33 10.07 -7.06
C GLY A 130 -4.85 9.75 -6.96
N ALA A 131 -4.56 8.51 -6.60
CA ALA A 131 -3.18 8.05 -6.53
C ALA A 131 -2.47 8.29 -7.86
N THR A 132 -1.16 8.55 -7.77
CA THR A 132 -0.32 8.71 -8.95
C THR A 132 0.28 7.40 -9.43
N GLU A 133 0.01 6.30 -8.74
CA GLU A 133 0.30 4.97 -9.24
C GLU A 133 -0.65 4.01 -8.52
N GLU A 134 -1.00 2.91 -9.21
CA GLU A 134 -1.93 1.94 -8.64
C GLU A 134 -1.56 1.58 -7.20
N LYS A 135 -2.58 1.50 -6.35
CA LYS A 135 -2.53 1.18 -4.92
C LYS A 135 -1.77 2.21 -4.08
N GLY A 136 -1.45 3.37 -4.66
CA GLY A 136 -0.90 4.47 -3.89
C GLY A 136 -1.96 5.21 -3.08
N LYS A 137 -1.48 6.20 -2.33
CA LYS A 137 -2.32 7.04 -1.49
C LYS A 137 -2.91 8.21 -2.28
N THR A 138 -3.96 8.80 -1.71
CA THR A 138 -4.50 10.06 -2.23
C THR A 138 -3.39 11.06 -2.46
N SER A 139 -3.47 11.75 -3.60
CA SER A 139 -2.50 12.79 -3.90
C SER A 139 -2.77 14.04 -3.06
N GLU A 140 -1.69 14.67 -2.58
CA GLU A 140 -1.86 15.92 -1.84
C GLU A 140 -2.35 17.03 -2.77
N VAL A 141 -1.84 17.08 -4.00
CA VAL A 141 -2.16 18.16 -4.93
C VAL A 141 -2.99 17.61 -6.09
N LEU A 142 -3.75 18.52 -6.70
CA LEU A 142 -4.56 18.18 -7.86
C LEU A 142 -3.68 17.92 -9.08
N ASN A 143 -3.90 16.79 -9.74
CA ASN A 143 -3.17 16.48 -10.96
C ASN A 143 -4.12 16.41 -12.15
N ALA A 144 -3.54 16.46 -13.35
CA ALA A 144 -4.32 16.36 -14.57
C ALA A 144 -3.46 15.70 -15.65
N ALA A 145 -4.12 15.02 -16.58
CA ALA A 145 -3.44 14.36 -17.68
C ALA A 145 -4.34 14.32 -18.91
N LYS A 146 -3.71 14.23 -20.08
CA LYS A 146 -4.42 14.10 -21.34
C LYS A 146 -4.57 12.63 -21.71
N VAL A 147 -5.78 12.24 -22.10
CA VAL A 147 -6.10 10.88 -22.52
C VAL A 147 -6.90 10.98 -23.82
N LEU A 148 -6.97 9.86 -24.53
CA LEU A 148 -7.76 9.79 -25.76
C LEU A 148 -8.96 8.89 -25.56
N LEU A 149 -10.08 9.26 -26.18
CA LEU A 149 -11.22 8.35 -26.22
C LEU A 149 -10.82 7.08 -26.95
N ILE A 150 -11.40 5.96 -26.52
CA ILE A 150 -11.19 4.66 -27.14
C ILE A 150 -12.55 4.14 -27.55
N GLU A 151 -12.73 3.91 -28.85
CA GLU A 151 -14.01 3.45 -29.36
C GLU A 151 -14.48 2.23 -28.61
N THR A 152 -15.77 2.21 -28.27
CA THR A 152 -16.32 1.14 -27.43
C THR A 152 -16.12 -0.23 -28.08
N GLN A 153 -16.29 -0.33 -29.40
CA GLN A 153 -16.05 -1.61 -30.07
C GLN A 153 -14.62 -2.10 -29.83
N ARG A 154 -13.65 -1.20 -29.91
CA ARG A 154 -12.25 -1.60 -29.61
C ARG A 154 -12.11 -1.90 -28.11
N CYS A 155 -12.77 -1.11 -27.26
CA CYS A 155 -12.64 -1.35 -25.82
C CYS A 155 -13.26 -2.68 -25.40
N ASN A 156 -14.23 -3.19 -26.16
CA ASN A 156 -14.91 -4.47 -25.83
C ASN A 156 -14.15 -5.67 -26.41
N SER A 157 -13.03 -5.43 -27.08
CA SER A 157 -12.19 -6.52 -27.63
C SER A 157 -11.87 -7.55 -26.55
N ARG A 158 -11.60 -8.79 -26.96
CA ARG A 158 -11.28 -9.87 -26.00
C ARG A 158 -9.99 -9.54 -25.24
N TYR A 159 -9.13 -8.72 -25.83
CA TYR A 159 -7.82 -8.39 -25.19
C TYR A 159 -7.95 -7.18 -24.26
N VAL A 160 -9.13 -6.56 -24.15
CA VAL A 160 -9.23 -5.31 -23.35
C VAL A 160 -10.24 -5.43 -22.19
N TYR A 161 -11.53 -5.30 -22.49
CA TYR A 161 -12.60 -5.37 -21.46
C TYR A 161 -13.63 -6.43 -21.87
N ASP A 162 -13.44 -7.06 -23.02
CA ASP A 162 -14.24 -8.26 -23.39
C ASP A 162 -15.74 -8.09 -23.15
N ASN A 163 -16.38 -7.20 -23.89
CA ASN A 163 -17.86 -7.02 -23.87
C ASN A 163 -18.37 -6.48 -22.52
N LEU A 164 -17.53 -5.89 -21.70
CA LEU A 164 -18.03 -5.30 -20.46
C LEU A 164 -18.54 -3.87 -20.63
N ILE A 165 -18.19 -3.20 -21.72
CA ILE A 165 -18.47 -1.77 -21.88
C ILE A 165 -19.87 -1.59 -22.45
N THR A 166 -20.75 -0.97 -21.67
CA THR A 166 -22.15 -0.78 -22.04
C THR A 166 -22.32 0.59 -22.70
N PRO A 167 -23.48 0.83 -23.31
CA PRO A 167 -23.72 2.18 -23.86
C PRO A 167 -23.70 3.29 -22.82
N ALA A 168 -23.83 2.96 -21.53
CA ALA A 168 -23.71 3.94 -20.45
C ALA A 168 -22.26 4.19 -20.05
N MET A 169 -21.32 3.64 -20.80
CA MET A 169 -19.91 3.62 -20.47
C MET A 169 -19.11 4.12 -21.66
N ILE A 170 -17.99 4.79 -21.39
CA ILE A 170 -17.03 5.13 -22.42
C ILE A 170 -15.63 4.88 -21.88
N CYS A 171 -14.72 4.54 -22.78
CA CYS A 171 -13.34 4.25 -22.43
C CYS A 171 -12.45 5.41 -22.85
N ALA A 172 -11.44 5.70 -22.04
CA ALA A 172 -10.52 6.77 -22.34
C ALA A 172 -9.18 6.45 -21.69
N GLY A 173 -8.10 6.77 -22.39
CA GLY A 173 -6.77 6.46 -21.90
C GLY A 173 -5.89 5.95 -23.03
N PHE A 174 -5.08 4.95 -22.74
CA PHE A 174 -4.19 4.37 -23.76
C PHE A 174 -4.10 2.87 -23.55
N LEU A 175 -4.15 2.13 -24.65
CA LEU A 175 -4.01 0.67 -24.57
C LEU A 175 -2.63 0.26 -24.11
N GLN A 176 -1.62 1.11 -24.30
CA GLN A 176 -0.30 0.85 -23.73
C GLN A 176 -0.19 1.25 -22.27
N GLY A 177 -1.26 1.78 -21.66
CA GLY A 177 -1.20 2.15 -20.25
C GLY A 177 -0.48 3.47 -20.03
N ASN A 178 0.19 3.55 -18.87
CA ASN A 178 1.08 4.64 -18.46
C ASN A 178 0.37 5.91 -18.02
N VAL A 179 -0.79 6.23 -18.60
CA VAL A 179 -1.56 7.41 -18.24
C VAL A 179 -3.01 6.99 -18.02
N ASP A 180 -3.57 7.34 -16.86
CA ASP A 180 -4.86 6.79 -16.48
C ASP A 180 -5.37 7.52 -15.26
N SER A 181 -6.68 7.38 -15.00
CA SER A 181 -7.21 7.74 -13.71
C SER A 181 -6.97 6.60 -12.72
N CYS A 182 -7.19 6.87 -11.43
CA CYS A 182 -6.86 5.89 -10.42
C CYS A 182 -7.67 6.16 -9.15
N GLN A 183 -7.59 5.23 -8.20
CA GLN A 183 -8.25 5.32 -6.91
C GLN A 183 -8.15 6.72 -6.30
N GLY A 184 -9.30 7.34 -6.07
CA GLY A 184 -9.38 8.71 -5.61
C GLY A 184 -9.90 9.67 -6.68
N ASP A 185 -9.71 9.34 -7.96
CA ASP A 185 -10.24 10.16 -9.02
C ASP A 185 -11.72 9.93 -9.27
N SER A 186 -12.29 8.84 -8.76
CA SER A 186 -13.68 8.47 -9.03
C SER A 186 -14.62 9.66 -8.89
N GLY A 187 -15.55 9.77 -9.85
CA GLY A 187 -16.51 10.83 -9.87
C GLY A 187 -16.04 12.11 -10.50
N GLY A 188 -14.72 12.25 -10.72
CA GLY A 188 -14.18 13.47 -11.29
C GLY A 188 -14.38 13.53 -12.78
N PRO A 189 -13.91 14.63 -13.36
CA PRO A 189 -14.26 14.94 -14.75
C PRO A 189 -13.39 14.25 -15.79
N LEU A 190 -14.04 13.91 -16.90
CA LEU A 190 -13.41 13.63 -18.18
C LEU A 190 -13.93 14.69 -19.14
N VAL A 191 -13.05 15.61 -19.57
CA VAL A 191 -13.49 16.79 -20.30
C VAL A 191 -12.79 16.85 -21.65
N THR A 192 -13.45 17.52 -22.60
CA THR A 192 -12.86 17.77 -23.90
C THR A 192 -13.19 19.20 -24.35
N SER A 193 -12.32 19.75 -25.18
CA SER A 193 -12.51 21.07 -25.77
C SER A 193 -13.03 20.94 -27.20
N LYS A 194 -14.15 21.62 -27.48
CA LYS A 194 -14.68 21.69 -28.84
C LYS A 194 -15.42 23.02 -28.98
N ASN A 195 -15.23 23.70 -30.10
CA ASN A 195 -15.78 25.05 -30.31
C ASN A 195 -15.39 25.99 -29.18
N ASN A 196 -14.15 25.85 -28.69
CA ASN A 196 -13.58 26.68 -27.64
C ASN A 196 -14.40 26.61 -26.35
N ILE A 197 -15.05 25.48 -26.10
CA ILE A 197 -15.82 25.26 -24.89
C ILE A 197 -15.39 23.93 -24.28
N TRP A 198 -15.32 23.88 -22.95
CA TRP A 198 -14.98 22.65 -22.23
C TRP A 198 -16.27 21.92 -21.86
N TRP A 199 -16.37 20.65 -22.28
CA TRP A 199 -17.56 19.84 -22.08
C TRP A 199 -17.25 18.65 -21.19
N LEU A 200 -18.19 18.32 -20.31
CA LEU A 200 -18.10 17.15 -19.45
C LEU A 200 -18.59 15.91 -20.20
N ILE A 201 -17.66 15.05 -20.61
CA ILE A 201 -17.99 13.88 -21.40
C ILE A 201 -18.13 12.64 -20.51
N GLY A 202 -17.38 12.57 -19.42
CA GLY A 202 -17.42 11.41 -18.57
C GLY A 202 -17.15 11.73 -17.12
N ASP A 203 -17.58 10.82 -16.24
CA ASP A 203 -17.22 10.85 -14.84
C ASP A 203 -16.48 9.57 -14.49
N THR A 204 -15.32 9.72 -13.83
CA THR A 204 -14.45 8.59 -13.56
C THR A 204 -15.18 7.48 -12.81
N SER A 205 -15.20 6.27 -13.38
CA SER A 205 -16.05 5.20 -12.88
C SER A 205 -15.25 3.98 -12.42
N TRP A 206 -14.56 3.28 -13.32
CA TRP A 206 -13.91 2.04 -12.91
C TRP A 206 -12.78 1.71 -13.87
N GLY A 207 -12.00 0.71 -13.48
CA GLY A 207 -10.95 0.18 -14.33
C GLY A 207 -10.26 -0.96 -13.60
N SER A 208 -9.51 -1.76 -14.38
N SER A 208 -9.52 -1.74 -14.38
CA SER A 208 -8.72 -2.85 -13.83
CA SER A 208 -8.72 -2.85 -13.84
C SER A 208 -7.34 -2.31 -13.52
C SER A 208 -7.33 -2.31 -13.54
N GLY A 209 -7.05 -2.11 -12.24
CA GLY A 209 -5.82 -1.44 -11.88
C GLY A 209 -5.82 0.01 -12.37
N CYS A 210 -4.61 0.56 -12.45
CA CYS A 210 -4.42 1.91 -12.98
C CYS A 210 -3.23 1.90 -13.93
N ALA A 211 -3.43 2.42 -15.14
CA ALA A 211 -2.37 2.62 -16.14
C ALA A 211 -1.77 1.31 -16.60
N LYS A 212 -2.49 0.20 -16.46
CA LYS A 212 -2.03 -1.08 -16.97
C LYS A 212 -2.31 -1.19 -18.46
N ALA A 213 -1.44 -1.91 -19.17
CA ALA A 213 -1.64 -2.16 -20.60
C ALA A 213 -2.96 -2.88 -20.83
N TYR A 214 -3.68 -2.45 -21.88
CA TYR A 214 -4.95 -3.04 -22.30
C TYR A 214 -6.04 -2.94 -21.23
N ARG A 215 -5.88 -2.04 -20.27
CA ARG A 215 -6.83 -1.83 -19.17
C ARG A 215 -7.06 -0.34 -18.98
N PRO A 216 -7.66 0.33 -19.95
CA PRO A 216 -7.85 1.77 -19.86
C PRO A 216 -8.96 2.12 -18.88
N GLY A 217 -9.03 3.42 -18.56
CA GLY A 217 -10.05 3.89 -17.65
C GLY A 217 -11.44 3.84 -18.28
N VAL A 218 -12.44 3.55 -17.44
CA VAL A 218 -13.83 3.53 -17.86
C VAL A 218 -14.58 4.62 -17.14
N TYR A 219 -15.43 5.31 -17.88
CA TYR A 219 -16.09 6.53 -17.43
C TYR A 219 -17.57 6.42 -17.75
N GLY A 220 -18.39 6.97 -16.87
CA GLY A 220 -19.82 7.07 -17.18
C GLY A 220 -20.03 7.98 -18.37
N ASN A 221 -20.92 7.56 -19.27
CA ASN A 221 -21.20 8.30 -20.51
C ASN A 221 -22.18 9.42 -20.20
N VAL A 222 -21.65 10.60 -19.89
CA VAL A 222 -22.48 11.71 -19.40
C VAL A 222 -23.53 12.10 -20.43
N MET A 223 -23.21 11.99 -21.73
N MET A 223 -23.22 11.99 -21.72
CA MET A 223 -24.17 12.29 -22.78
CA MET A 223 -24.20 12.32 -22.76
C MET A 223 -25.45 11.46 -22.62
C MET A 223 -25.46 11.45 -22.63
N VAL A 224 -25.30 10.19 -22.24
CA VAL A 224 -26.45 9.33 -22.03
C VAL A 224 -27.27 9.73 -20.80
N PHE A 225 -26.68 10.48 -19.86
CA PHE A 225 -27.32 10.78 -18.59
C PHE A 225 -27.87 12.19 -18.50
N THR A 226 -27.72 13.02 -19.53
CA THR A 226 -28.10 14.42 -19.42
C THR A 226 -29.60 14.58 -19.19
N ASP A 227 -30.41 13.74 -19.82
CA ASP A 227 -31.85 13.80 -19.58
C ASP A 227 -32.15 13.65 -18.09
N TRP A 228 -31.60 12.61 -17.47
CA TRP A 228 -31.84 12.39 -16.04
C TRP A 228 -31.32 13.56 -15.20
N ILE A 229 -30.15 14.10 -15.55
CA ILE A 229 -29.58 15.22 -14.80
C ILE A 229 -30.51 16.43 -14.86
N TYR A 230 -30.93 16.80 -16.08
CA TYR A 230 -31.86 17.93 -16.24
C TYR A 230 -33.13 17.72 -15.43
N ARG A 231 -33.63 16.49 -15.40
CA ARG A 231 -34.85 16.20 -14.66
C ARG A 231 -34.66 16.41 -13.15
N GLN A 232 -33.53 15.93 -12.59
CA GLN A 232 -33.28 16.16 -11.18
C GLN A 232 -33.13 17.65 -10.89
N MET A 233 -32.44 18.37 -11.77
CA MET A 233 -32.28 19.80 -11.60
C MET A 233 -33.61 20.53 -11.68
N ARG A 234 -34.44 20.18 -12.67
CA ARG A 234 -35.73 20.85 -12.82
C ARG A 234 -36.67 20.51 -11.67
N ALA A 235 -36.66 19.25 -11.23
CA ALA A 235 -37.53 18.86 -10.12
C ALA A 235 -37.17 19.59 -8.84
N ASP A 236 -35.86 19.83 -8.63
CA ASP A 236 -35.44 20.58 -7.45
C ASP A 236 -35.88 22.03 -7.54
N GLY A 237 -35.83 22.61 -8.74
CA GLY A 237 -36.26 23.99 -8.93
C GLY A 237 -37.71 24.21 -8.50
N GLU A 238 -38.55 23.20 -8.67
CA GLU A 238 -39.90 23.20 -8.10
C GLU A 238 -39.79 22.85 -6.61
N PHE A 239 -39.21 23.78 -5.86
CA PHE A 239 -38.89 23.55 -4.45
C PHE A 239 -40.15 23.55 -3.57
N ASN B 1 8.86 1.79 -9.11
CA ASN B 1 9.77 1.13 -8.17
C ASN B 1 10.66 2.17 -7.49
N PHE B 2 11.35 1.76 -6.43
CA PHE B 2 12.19 2.65 -5.64
C PHE B 2 12.91 1.82 -4.56
N MET B 3 13.91 2.46 -3.94
CA MET B 3 14.62 1.90 -2.80
C MET B 3 14.35 2.74 -1.57
N LEU B 4 14.54 2.11 -0.41
CA LEU B 4 14.47 2.77 0.89
C LEU B 4 15.82 2.62 1.56
N THR B 5 16.44 3.74 1.92
CA THR B 5 17.78 3.76 2.50
C THR B 5 17.71 4.22 3.95
N GLN B 6 18.28 3.43 4.84
CA GLN B 6 18.39 3.73 6.26
C GLN B 6 19.86 3.79 6.64
N PRO B 7 20.20 4.52 7.71
CA PRO B 7 21.57 4.42 8.25
C PRO B 7 21.83 3.01 8.74
N HIS B 8 23.08 2.58 8.59
N HIS B 8 23.08 2.58 8.59
CA HIS B 8 23.45 1.24 9.05
CA HIS B 8 23.46 1.25 9.05
C HIS B 8 23.33 1.14 10.57
C HIS B 8 23.35 1.14 10.57
N SER B 9 23.67 2.20 11.27
CA SER B 9 23.69 2.16 12.73
C SER B 9 23.17 3.48 13.31
N MET B 10 22.68 3.41 14.55
CA MET B 10 22.30 4.59 15.29
C MET B 10 22.42 4.27 16.77
N SER B 11 22.84 5.26 17.56
CA SER B 11 23.11 5.02 18.98
C SER B 11 22.61 6.18 19.83
N GLU B 12 22.21 5.86 21.05
CA GLU B 12 21.73 6.87 21.99
C GLU B 12 21.69 6.25 23.38
N SER B 13 21.75 7.11 24.40
CA SER B 13 21.73 6.69 25.80
C SER B 13 20.30 6.41 26.27
N PRO B 14 20.15 5.60 27.32
CA PRO B 14 18.82 5.37 27.88
C PRO B 14 18.15 6.66 28.33
N GLY B 15 16.83 6.70 28.20
CA GLY B 15 16.05 7.86 28.58
C GLY B 15 16.02 8.97 27.57
N LYS B 16 16.89 8.95 26.57
CA LYS B 16 16.94 10.01 25.57
C LYS B 16 16.06 9.63 24.38
N THR B 17 16.00 10.52 23.39
CA THR B 17 15.15 10.35 22.23
C THR B 17 16.02 10.12 20.99
N VAL B 18 15.64 9.14 20.19
CA VAL B 18 16.43 8.75 19.03
C VAL B 18 15.50 8.65 17.82
N THR B 19 16.01 9.02 16.66
CA THR B 19 15.25 9.03 15.42
C THR B 19 16.01 8.25 14.36
N ILE B 20 15.30 7.38 13.64
CA ILE B 20 15.87 6.59 12.56
C ILE B 20 15.17 7.02 11.27
N SER B 21 15.94 7.38 10.26
CA SER B 21 15.38 7.87 9.01
C SER B 21 15.34 6.78 7.93
N CYS B 22 14.48 7.01 6.93
CA CYS B 22 14.24 6.05 5.85
C CYS B 22 13.88 6.85 4.61
N THR B 23 14.83 6.98 3.68
CA THR B 23 14.73 7.87 2.52
C THR B 23 14.37 7.09 1.25
N ARG B 24 13.35 7.57 0.54
CA ARG B 24 12.87 6.92 -0.67
C ARG B 24 13.60 7.46 -1.89
N SER B 25 14.08 6.55 -2.74
CA SER B 25 15.01 6.92 -3.80
C SER B 25 14.32 7.68 -4.93
N SER B 26 13.11 7.26 -5.32
N SER B 26 13.10 7.27 -5.30
CA SER B 26 12.37 7.92 -6.37
CA SER B 26 12.36 7.90 -6.38
C SER B 26 10.89 7.91 -6.02
C SER B 26 10.88 7.91 -6.03
N GLY B 27 10.19 8.96 -6.45
CA GLY B 27 8.81 9.16 -6.06
C GLY B 27 8.70 9.73 -4.64
N SER B 28 7.53 10.27 -4.34
CA SER B 28 7.33 10.93 -3.05
C SER B 28 7.11 9.93 -1.93
N ILE B 29 7.75 10.20 -0.79
CA ILE B 29 7.57 9.35 0.39
C ILE B 29 6.11 9.29 0.80
N ALA B 30 5.34 10.35 0.57
CA ALA B 30 3.94 10.38 0.97
C ALA B 30 3.02 9.65 0.01
N SER B 31 3.54 9.07 -1.08
CA SER B 31 2.71 8.37 -2.06
C SER B 31 2.27 6.98 -1.60
N ASN B 32 2.96 6.40 -0.62
CA ASN B 32 2.66 5.05 -0.14
C ASN B 32 2.96 4.98 1.35
N TYR B 33 2.10 4.30 2.10
CA TYR B 33 2.25 4.21 3.55
C TYR B 33 3.59 3.58 3.94
N VAL B 34 4.14 4.03 5.06
CA VAL B 34 5.39 3.49 5.58
C VAL B 34 5.12 2.76 6.89
N GLN B 35 5.63 1.53 6.99
CA GLN B 35 5.56 0.69 8.18
C GLN B 35 6.96 0.56 8.78
N TRP B 36 7.01 0.27 10.08
CA TRP B 36 8.27 0.06 10.77
C TRP B 36 8.20 -1.23 11.58
N TYR B 37 9.18 -2.11 11.41
CA TYR B 37 9.24 -3.39 12.12
C TYR B 37 10.46 -3.43 13.00
N GLN B 38 10.29 -3.87 14.24
CA GLN B 38 11.40 -4.10 15.17
C GLN B 38 11.77 -5.57 15.13
N GLN B 39 13.07 -5.86 15.11
CA GLN B 39 13.54 -7.24 15.16
C GLN B 39 14.70 -7.37 16.13
N ARG B 40 14.45 -7.99 17.28
CA ARG B 40 15.50 -8.26 18.23
C ARG B 40 16.33 -9.45 17.75
N PRO B 41 17.57 -9.59 18.23
CA PRO B 41 18.43 -10.66 17.73
C PRO B 41 17.80 -12.03 17.91
N GLY B 42 17.73 -12.79 16.82
CA GLY B 42 17.22 -14.13 16.88
C GLY B 42 15.72 -14.26 17.09
N SER B 43 14.97 -13.19 16.89
CA SER B 43 13.52 -13.23 17.05
C SER B 43 12.83 -12.80 15.77
N SER B 44 11.52 -13.07 15.71
CA SER B 44 10.70 -12.62 14.60
C SER B 44 10.50 -11.11 14.68
N PRO B 45 10.23 -10.46 13.55
CA PRO B 45 9.89 -9.04 13.60
C PRO B 45 8.56 -8.82 14.31
N THR B 46 8.38 -7.61 14.83
CA THR B 46 7.11 -7.16 15.32
C THR B 46 6.86 -5.76 14.76
N THR B 47 5.60 -5.44 14.52
CA THR B 47 5.25 -4.15 13.94
C THR B 47 5.16 -3.11 15.05
N VAL B 48 5.87 -1.99 14.89
CA VAL B 48 5.78 -0.90 15.85
C VAL B 48 5.07 0.33 15.29
N ILE B 49 5.09 0.54 13.97
CA ILE B 49 4.39 1.65 13.34
C ILE B 49 3.81 1.19 12.01
N TYR B 50 2.61 1.65 11.69
CA TYR B 50 2.02 1.44 10.37
C TYR B 50 1.29 2.69 9.93
N ASP B 51 1.04 2.78 8.62
CA ASP B 51 0.37 3.95 8.03
C ASP B 51 1.07 5.24 8.43
N ASP B 52 2.40 5.24 8.32
CA ASP B 52 3.30 6.36 8.65
C ASP B 52 3.39 6.70 10.13
N ASN B 53 2.26 6.75 10.86
CA ASN B 53 2.33 7.26 12.22
C ASN B 53 1.35 6.58 13.17
N GLN B 54 0.78 5.45 12.78
CA GLN B 54 -0.15 4.72 13.63
C GLN B 54 0.61 3.66 14.43
N ARG B 55 0.15 3.42 15.65
CA ARG B 55 0.75 2.42 16.51
C ARG B 55 -0.17 1.21 16.64
N PRO B 56 0.34 0.00 16.40
CA PRO B 56 -0.44 -1.20 16.73
C PRO B 56 -0.80 -1.21 18.21
N SER B 57 -1.85 -1.96 18.52
CA SER B 57 -2.26 -2.10 19.91
C SER B 57 -1.13 -2.77 20.70
N GLY B 58 -0.85 -2.24 21.89
CA GLY B 58 0.17 -2.78 22.76
C GLY B 58 1.54 -2.18 22.59
N VAL B 59 1.76 -1.37 21.56
CA VAL B 59 3.05 -0.68 21.39
C VAL B 59 3.02 0.63 22.16
N PRO B 60 4.03 0.92 22.99
CA PRO B 60 3.97 2.10 23.86
C PRO B 60 4.08 3.39 23.05
N ASP B 61 3.55 4.48 23.64
CA ASP B 61 3.57 5.73 22.91
C ASP B 61 4.98 6.33 22.82
N ARG B 62 6.00 5.69 23.39
CA ARG B 62 7.37 6.09 23.12
C ARG B 62 7.73 5.93 21.66
N PHE B 63 7.04 5.05 20.93
CA PHE B 63 7.27 4.86 19.50
C PHE B 63 6.34 5.76 18.70
N SER B 64 6.92 6.56 17.80
CA SER B 64 6.15 7.42 16.92
C SER B 64 6.78 7.46 15.54
N GLY B 65 5.94 7.69 14.52
CA GLY B 65 6.42 7.79 13.17
C GLY B 65 5.94 9.08 12.53
N SER B 66 6.68 9.49 11.50
N SER B 66 6.68 9.49 11.51
CA SER B 66 6.34 10.69 10.76
CA SER B 66 6.34 10.69 10.77
C SER B 66 6.97 10.59 9.37
C SER B 66 6.97 10.60 9.38
N ILE B 67 6.65 11.57 8.53
CA ILE B 67 7.20 11.66 7.18
C ILE B 67 7.57 13.11 6.90
N ASP B 68 8.68 13.31 6.18
CA ASP B 68 9.19 14.64 5.86
C ASP B 68 9.29 14.78 4.35
N SER B 69 8.55 15.76 3.79
CA SER B 69 8.45 15.91 2.34
C SER B 69 9.75 16.44 1.74
N SER B 70 10.41 17.38 2.42
CA SER B 70 11.60 17.99 1.84
C SER B 70 12.72 16.98 1.68
N SER B 71 12.96 16.16 2.71
CA SER B 71 13.98 15.13 2.67
C SER B 71 13.48 13.83 2.06
N ASN B 72 12.22 13.77 1.67
CA ASN B 72 11.61 12.56 1.10
C ASN B 72 11.87 11.34 1.98
N SER B 73 11.66 11.49 3.28
CA SER B 73 12.04 10.46 4.23
C SER B 73 10.91 10.19 5.22
N ALA B 74 10.90 8.98 5.75
CA ALA B 74 10.09 8.64 6.91
C ALA B 74 11.01 8.45 8.11
N SER B 75 10.48 8.72 9.31
CA SER B 75 11.30 8.65 10.52
C SER B 75 10.58 7.90 11.62
N LEU B 76 11.31 6.98 12.24
CA LEU B 76 10.87 6.33 13.48
C LEU B 76 11.58 7.03 14.63
N THR B 77 10.81 7.50 15.60
CA THR B 77 11.35 8.16 16.77
C THR B 77 10.99 7.33 18.00
N ILE B 78 11.99 7.08 18.84
CA ILE B 78 11.80 6.40 20.11
C ILE B 78 12.21 7.38 21.20
N SER B 79 11.26 7.80 22.01
CA SER B 79 11.55 8.62 23.18
C SER B 79 11.70 7.72 24.40
N GLY B 80 12.34 8.26 25.44
CA GLY B 80 12.60 7.48 26.64
C GLY B 80 13.22 6.13 26.33
N LEU B 81 14.34 6.15 25.60
CA LEU B 81 14.98 4.92 25.13
C LEU B 81 15.24 3.95 26.28
N LYS B 82 14.96 2.67 26.03
CA LYS B 82 15.17 1.60 27.00
C LYS B 82 16.14 0.58 26.43
N THR B 83 16.78 -0.18 27.33
CA THR B 83 17.70 -1.22 26.87
C THR B 83 16.97 -2.27 26.03
N GLU B 84 15.70 -2.53 26.34
CA GLU B 84 14.94 -3.49 25.56
C GLU B 84 14.69 -3.02 24.13
N ASP B 85 15.02 -1.77 23.80
CA ASP B 85 14.84 -1.25 22.46
C ASP B 85 16.00 -1.60 21.53
N GLU B 86 17.13 -2.08 22.06
CA GLU B 86 18.21 -2.54 21.19
C GLU B 86 17.69 -3.63 20.28
N ALA B 87 17.88 -3.41 18.98
CA ALA B 87 17.29 -4.24 17.94
C ALA B 87 17.67 -3.68 16.58
N ASP B 88 17.28 -4.37 15.53
CA ASP B 88 17.30 -3.84 14.18
C ASP B 88 15.91 -3.32 13.86
N TYR B 89 15.85 -2.17 13.19
CA TYR B 89 14.60 -1.55 12.77
C TYR B 89 14.56 -1.45 11.26
N TYR B 90 13.43 -1.85 10.67
CA TYR B 90 13.25 -1.87 9.23
C TYR B 90 12.05 -1.02 8.86
N CYS B 91 12.24 -0.11 7.93
CA CYS B 91 11.09 0.56 7.33
C CYS B 91 10.64 -0.24 6.11
N GLN B 92 9.38 -0.04 5.74
CA GLN B 92 8.79 -0.81 4.65
C GLN B 92 7.72 0.02 3.96
N SER B 93 7.72 -0.01 2.64
CA SER B 93 6.64 0.57 1.85
C SER B 93 6.42 -0.31 0.63
N TYR B 94 5.89 0.26 -0.44
CA TYR B 94 5.37 -0.57 -1.53
C TYR B 94 5.09 0.31 -2.74
N ASP B 95 5.15 -0.29 -3.93
CA ASP B 95 4.64 0.32 -5.15
C ASP B 95 3.44 -0.48 -5.63
N SER B 96 3.16 -0.44 -6.94
CA SER B 96 1.99 -1.14 -7.45
C SER B 96 2.12 -2.65 -7.41
N SER B 97 3.33 -3.19 -7.25
CA SER B 97 3.46 -4.65 -7.25
C SER B 97 4.48 -5.22 -6.27
N ASN B 98 5.34 -4.41 -5.67
CA ASN B 98 6.40 -4.90 -4.80
C ASN B 98 6.19 -4.40 -3.38
N VAL B 99 6.62 -5.21 -2.41
CA VAL B 99 6.85 -4.77 -1.04
C VAL B 99 8.33 -4.50 -0.90
N ILE B 100 8.68 -3.30 -0.44
CA ILE B 100 10.06 -2.81 -0.43
C ILE B 100 10.45 -2.56 1.02
N PHE B 101 11.63 -3.03 1.41
CA PHE B 101 12.18 -2.82 2.75
C PHE B 101 13.42 -1.94 2.67
N GLY B 102 13.59 -1.10 3.69
CA GLY B 102 14.88 -0.51 3.93
C GLY B 102 15.90 -1.57 4.34
N GLY B 103 17.17 -1.19 4.29
CA GLY B 103 18.22 -2.13 4.62
C GLY B 103 18.36 -2.43 6.11
N GLY B 104 17.65 -1.72 6.96
CA GLY B 104 17.73 -1.95 8.40
C GLY B 104 18.72 -1.05 9.11
N THR B 105 18.35 -0.61 10.31
CA THR B 105 19.21 0.19 11.18
C THR B 105 19.37 -0.56 12.50
N LYS B 106 20.61 -0.84 12.88
CA LYS B 106 20.88 -1.42 14.20
C LYS B 106 20.94 -0.31 15.24
N LEU B 107 20.05 -0.35 16.22
CA LEU B 107 20.03 0.60 17.31
C LEU B 107 20.87 0.09 18.47
N THR B 108 21.93 0.81 18.79
CA THR B 108 22.82 0.48 19.90
C THR B 108 22.55 1.44 21.06
N VAL B 109 22.43 0.90 22.26
CA VAL B 109 22.26 1.72 23.46
C VAL B 109 23.63 1.98 24.08
N LEU B 110 23.97 3.26 24.25
CA LEU B 110 25.25 3.65 24.83
C LEU B 110 25.27 3.41 26.34
N ARG B 111 26.44 3.04 26.85
CA ARG B 111 26.63 2.82 28.27
C ARG B 111 28.09 3.05 28.62
N THR B 112 28.43 2.87 29.89
CA THR B 112 29.79 3.04 30.38
C THR B 112 30.67 1.88 29.95
N VAL B 113 31.98 2.13 29.90
CA VAL B 113 32.94 1.09 29.54
C VAL B 113 32.92 -0.01 30.58
N ALA B 114 32.93 -1.27 30.13
CA ALA B 114 32.92 -2.42 31.03
C ALA B 114 34.01 -3.38 30.60
N ALA B 115 34.92 -3.69 31.54
CA ALA B 115 35.98 -4.63 31.27
C ALA B 115 35.43 -6.05 31.13
N PRO B 116 36.02 -6.87 30.27
CA PRO B 116 35.56 -8.25 30.12
C PRO B 116 36.00 -9.13 31.28
N SER B 117 35.12 -10.05 31.67
CA SER B 117 35.49 -11.20 32.49
C SER B 117 36.02 -12.29 31.57
N VAL B 118 37.24 -12.76 31.80
CA VAL B 118 37.92 -13.67 30.88
C VAL B 118 38.02 -15.06 31.52
N PHE B 119 37.70 -16.08 30.74
CA PHE B 119 37.76 -17.47 31.18
C PHE B 119 38.37 -18.31 30.07
N ILE B 120 39.23 -19.27 30.43
CA ILE B 120 39.82 -20.19 29.45
C ILE B 120 39.38 -21.60 29.79
N PHE B 121 39.12 -22.40 28.75
CA PHE B 121 38.65 -23.77 28.91
C PHE B 121 39.57 -24.72 28.14
N PRO B 122 40.22 -25.67 28.80
CA PRO B 122 41.00 -26.69 28.08
C PRO B 122 40.08 -27.58 27.26
N PRO B 123 40.60 -28.25 26.24
CA PRO B 123 39.79 -29.26 25.55
C PRO B 123 39.38 -30.36 26.51
N SER B 124 38.17 -30.87 26.33
CA SER B 124 37.72 -32.01 27.12
C SER B 124 38.47 -33.26 26.71
N ASP B 125 38.66 -34.17 27.68
CA ASP B 125 39.24 -35.47 27.34
C ASP B 125 38.39 -36.22 26.33
N GLU B 126 37.06 -36.03 26.39
CA GLU B 126 36.19 -36.70 25.44
C GLU B 126 36.49 -36.25 24.01
N GLN B 127 36.73 -34.95 23.80
CA GLN B 127 37.02 -34.48 22.45
C GLN B 127 38.40 -34.95 22.00
N LEU B 128 39.38 -34.97 22.90
CA LEU B 128 40.73 -35.38 22.53
C LEU B 128 40.74 -36.82 22.00
N LYS B 129 39.81 -37.65 22.46
CA LYS B 129 39.70 -39.02 21.97
C LYS B 129 39.40 -39.08 20.48
N SER B 130 38.78 -38.01 19.93
CA SER B 130 38.45 -37.93 18.51
C SER B 130 39.58 -37.39 17.65
N GLY B 131 40.66 -36.89 18.26
CA GLY B 131 41.84 -36.46 17.54
C GLY B 131 42.02 -34.95 17.41
N THR B 132 41.03 -34.17 17.80
CA THR B 132 41.10 -32.71 17.68
C THR B 132 40.96 -32.08 19.06
N ALA B 133 41.63 -30.93 19.25
CA ALA B 133 41.59 -30.18 20.50
C ALA B 133 41.03 -28.80 20.22
N SER B 134 39.97 -28.43 20.94
CA SER B 134 39.38 -27.09 20.87
C SER B 134 39.61 -26.39 22.19
N VAL B 135 40.38 -25.29 22.17
CA VAL B 135 40.62 -24.47 23.35
C VAL B 135 39.78 -23.22 23.24
N VAL B 136 38.97 -22.94 24.27
CA VAL B 136 37.95 -21.89 24.21
C VAL B 136 38.28 -20.81 25.22
N CYS B 137 38.28 -19.56 24.77
CA CYS B 137 38.46 -18.40 25.63
C CYS B 137 37.18 -17.58 25.59
N LEU B 138 36.65 -17.25 26.77
CA LEU B 138 35.37 -16.58 26.91
C LEU B 138 35.59 -15.18 27.46
N LEU B 139 35.06 -14.18 26.76
CA LEU B 139 35.07 -12.78 27.20
C LEU B 139 33.62 -12.41 27.49
N ASN B 140 33.31 -12.13 28.75
CA ASN B 140 31.93 -12.03 29.22
C ASN B 140 31.58 -10.62 29.65
N ASN B 141 30.47 -10.10 29.11
CA ASN B 141 29.84 -8.85 29.54
C ASN B 141 30.82 -7.66 29.53
N PHE B 142 31.26 -7.30 28.32
CA PHE B 142 32.13 -6.13 28.14
C PHE B 142 31.47 -5.09 27.25
N TYR B 143 32.03 -3.88 27.26
CA TYR B 143 31.55 -2.78 26.43
C TYR B 143 32.63 -1.72 26.35
N PRO B 144 32.93 -1.17 25.16
CA PRO B 144 32.26 -1.39 23.87
C PRO B 144 32.65 -2.71 23.23
N ARG B 145 32.18 -2.91 21.99
CA ARG B 145 32.24 -4.21 21.33
C ARG B 145 33.67 -4.59 20.93
N GLU B 146 34.52 -3.61 20.68
CA GLU B 146 35.87 -3.87 20.19
C GLU B 146 36.67 -4.60 21.26
N ALA B 147 37.22 -5.74 20.90
CA ALA B 147 38.09 -6.50 21.81
C ALA B 147 39.07 -7.30 20.96
N LYS B 148 40.24 -7.56 21.53
CA LYS B 148 41.30 -8.29 20.85
C LYS B 148 41.66 -9.50 21.68
N VAL B 149 41.54 -10.68 21.08
CA VAL B 149 41.98 -11.93 21.69
C VAL B 149 43.24 -12.37 20.97
N GLN B 150 44.30 -12.64 21.73
CA GLN B 150 45.54 -13.17 21.18
C GLN B 150 45.82 -14.51 21.85
N TRP B 151 45.95 -15.56 21.05
CA TRP B 151 46.30 -16.88 21.56
C TRP B 151 47.81 -17.06 21.57
N LYS B 152 48.32 -17.61 22.67
CA LYS B 152 49.73 -17.94 22.79
C LYS B 152 49.89 -19.39 23.23
N VAL B 153 50.83 -20.08 22.59
CA VAL B 153 51.12 -21.48 22.87
C VAL B 153 52.60 -21.56 23.21
N ASP B 154 52.92 -21.90 24.46
CA ASP B 154 54.30 -21.80 24.97
C ASP B 154 54.90 -20.43 24.62
N ASN B 155 54.10 -19.39 24.78
CA ASN B 155 54.47 -17.99 24.50
C ASN B 155 54.77 -17.74 23.03
N ALA B 156 54.32 -18.61 22.13
CA ALA B 156 54.39 -18.37 20.70
C ALA B 156 53.04 -17.85 20.21
N LEU B 157 53.05 -16.68 19.58
CA LEU B 157 51.80 -16.06 19.16
C LEU B 157 51.17 -16.85 18.00
N GLN B 158 49.89 -17.16 18.14
CA GLN B 158 49.19 -17.96 17.15
C GLN B 158 48.51 -17.06 16.12
N SER B 159 48.39 -17.56 14.90
CA SER B 159 47.72 -16.83 13.83
C SER B 159 47.15 -17.81 12.83
N GLY B 160 45.89 -17.63 12.46
CA GLY B 160 45.26 -18.44 11.44
C GLY B 160 44.51 -19.65 11.95
N ASN B 161 44.63 -19.99 13.23
CA ASN B 161 44.03 -21.20 13.77
C ASN B 161 42.96 -20.91 14.83
N SER B 162 42.35 -19.72 14.79
CA SER B 162 41.25 -19.43 15.70
C SER B 162 40.09 -18.77 14.96
N GLN B 163 38.91 -18.87 15.56
CA GLN B 163 37.69 -18.26 15.06
C GLN B 163 36.92 -17.66 16.23
N GLU B 164 36.27 -16.52 15.97
CA GLU B 164 35.56 -15.75 16.99
C GLU B 164 34.09 -15.66 16.67
N SER B 165 33.28 -15.53 17.72
CA SER B 165 31.85 -15.25 17.62
C SER B 165 31.50 -14.26 18.72
N VAL B 166 30.66 -13.27 18.39
CA VAL B 166 30.28 -12.21 19.33
C VAL B 166 28.76 -12.12 19.40
N THR B 167 28.24 -12.02 20.62
CA THR B 167 26.81 -11.83 20.82
C THR B 167 26.41 -10.40 20.49
N GLU B 168 25.10 -10.21 20.24
CA GLU B 168 24.56 -8.87 20.12
C GLU B 168 24.42 -8.24 21.50
N GLN B 169 24.12 -6.94 21.52
CA GLN B 169 24.03 -6.21 22.77
C GLN B 169 23.01 -6.84 23.71
N ASP B 170 23.42 -7.05 24.96
CA ASP B 170 22.52 -7.69 25.93
C ASP B 170 21.32 -6.80 26.22
N SER B 171 20.14 -7.42 26.28
CA SER B 171 18.90 -6.65 26.38
C SER B 171 18.73 -5.98 27.73
N LYS B 172 19.55 -6.34 28.73
CA LYS B 172 19.33 -5.82 30.07
C LYS B 172 20.47 -4.96 30.58
N ASP B 173 21.72 -5.30 30.28
CA ASP B 173 22.84 -4.47 30.70
C ASP B 173 23.64 -3.89 29.54
N SER B 174 23.23 -4.11 28.29
CA SER B 174 23.80 -3.48 27.11
C SER B 174 25.24 -3.88 26.83
N THR B 175 25.68 -5.03 27.33
CA THR B 175 27.06 -5.47 27.10
C THR B 175 27.13 -6.48 25.96
N TYR B 176 28.35 -6.82 25.59
CA TYR B 176 28.64 -7.84 24.61
C TYR B 176 29.41 -8.98 25.27
N SER B 177 29.39 -10.14 24.62
CA SER B 177 30.23 -11.27 25.02
C SER B 177 30.85 -11.88 23.77
N LEU B 178 32.05 -12.44 23.93
CA LEU B 178 32.83 -12.97 22.82
C LEU B 178 33.37 -14.34 23.17
N SER B 179 33.35 -15.25 22.19
CA SER B 179 33.91 -16.58 22.35
C SER B 179 34.92 -16.81 21.24
N SER B 180 36.14 -17.16 21.62
CA SER B 180 37.22 -17.48 20.68
C SER B 180 37.63 -18.93 20.85
N THR B 181 37.72 -19.65 19.73
CA THR B 181 38.08 -21.06 19.75
C THR B 181 39.38 -21.26 18.98
N LEU B 182 40.39 -21.78 19.67
CA LEU B 182 41.65 -22.19 19.06
C LEU B 182 41.59 -23.69 18.78
N THR B 183 41.87 -24.08 17.54
CA THR B 183 41.76 -25.47 17.11
C THR B 183 43.11 -26.01 16.70
N LEU B 184 43.40 -27.18 17.24
CA LEU B 184 44.67 -27.88 16.97
C LEU B 184 44.38 -29.37 17.02
N SER B 185 45.17 -30.16 16.30
CA SER B 185 45.08 -31.61 16.43
C SER B 185 45.54 -32.02 17.83
N LYS B 186 45.09 -33.20 18.27
CA LYS B 186 45.55 -33.71 19.55
C LYS B 186 47.07 -33.90 19.54
N ALA B 187 47.63 -34.35 18.42
CA ALA B 187 49.06 -34.58 18.35
C ALA B 187 49.84 -33.29 18.57
N ASP B 188 49.37 -32.19 17.94
CA ASP B 188 50.03 -30.90 18.12
C ASP B 188 49.75 -30.34 19.50
N TYR B 189 48.54 -30.57 20.02
CA TYR B 189 48.19 -30.05 21.34
C TYR B 189 49.10 -30.62 22.42
N GLU B 190 49.41 -31.91 22.34
CA GLU B 190 50.25 -32.57 23.34
C GLU B 190 51.74 -32.28 23.17
N LYS B 191 52.11 -31.47 22.18
CA LYS B 191 53.49 -31.05 22.01
C LYS B 191 53.82 -29.75 22.75
N HIS B 192 52.87 -29.19 23.48
CA HIS B 192 53.07 -27.91 24.15
C HIS B 192 52.42 -27.94 25.52
N LYS B 193 52.86 -27.04 26.40
CA LYS B 193 52.40 -27.05 27.78
C LYS B 193 51.48 -25.87 28.10
N VAL B 194 51.91 -24.64 27.83
CA VAL B 194 51.22 -23.44 28.27
C VAL B 194 50.32 -22.94 27.15
N TYR B 195 49.02 -22.87 27.41
CA TYR B 195 48.03 -22.33 26.49
C TYR B 195 47.43 -21.08 27.12
N ALA B 196 47.53 -19.96 26.42
CA ALA B 196 47.18 -18.68 27.01
C ALA B 196 46.29 -17.87 26.09
N CYS B 197 45.28 -17.25 26.69
CA CYS B 197 44.41 -16.27 26.05
C CYS B 197 44.76 -14.90 26.61
N GLU B 198 45.19 -13.98 25.75
CA GLU B 198 45.51 -12.62 26.16
C GLU B 198 44.50 -11.65 25.55
N VAL B 199 43.87 -10.85 26.42
CA VAL B 199 42.73 -10.01 26.06
C VAL B 199 43.14 -8.55 26.21
N THR B 200 42.86 -7.75 25.17
CA THR B 200 43.07 -6.31 25.17
C THR B 200 41.70 -5.65 25.03
N HIS B 201 41.42 -4.66 25.87
CA HIS B 201 40.13 -3.99 25.81
C HIS B 201 40.24 -2.61 26.47
N GLN B 202 39.34 -1.69 26.05
CA GLN B 202 39.38 -0.33 26.56
C GLN B 202 39.25 -0.27 28.08
N GLY B 203 38.51 -1.21 28.67
CA GLY B 203 38.31 -1.22 30.10
C GLY B 203 39.43 -1.83 30.92
N LEU B 204 40.45 -2.38 30.27
CA LEU B 204 41.56 -3.06 30.95
C LEU B 204 42.80 -2.19 30.88
N SER B 205 43.36 -1.86 32.05
CA SER B 205 44.54 -1.01 32.14
C SER B 205 45.77 -1.66 31.52
N SER B 206 45.79 -2.99 31.46
CA SER B 206 46.83 -3.73 30.77
C SER B 206 46.23 -5.06 30.34
N PRO B 207 46.80 -5.71 29.33
CA PRO B 207 46.21 -6.96 28.84
C PRO B 207 46.04 -7.99 29.94
N VAL B 208 44.91 -8.71 29.90
CA VAL B 208 44.62 -9.77 30.85
C VAL B 208 44.89 -11.11 30.16
N THR B 209 45.70 -11.94 30.80
CA THR B 209 46.02 -13.26 30.28
C THR B 209 45.46 -14.32 31.20
N LYS B 210 44.68 -15.24 30.64
CA LYS B 210 44.25 -16.45 31.32
C LYS B 210 44.92 -17.62 30.62
N SER B 211 45.48 -18.54 31.42
CA SER B 211 46.25 -19.64 30.86
C SER B 211 46.05 -20.88 31.70
N PHE B 212 46.42 -22.01 31.10
CA PHE B 212 46.51 -23.28 31.82
C PHE B 212 47.71 -24.04 31.28
N ASN B 213 48.22 -24.95 32.09
CA ASN B 213 49.26 -25.88 31.68
C ASN B 213 48.60 -27.22 31.37
N ARG B 214 48.89 -27.75 30.19
CA ARG B 214 48.26 -29.02 29.77
C ARG B 214 48.58 -30.11 30.80
N GLY B 215 47.57 -30.82 31.28
CA GLY B 215 47.85 -31.96 32.17
C GLY B 215 47.90 -31.55 33.62
N GLU B 216 48.22 -30.29 33.90
CA GLU B 216 48.15 -29.85 35.31
C GLU B 216 46.69 -29.50 35.62
N GLN C 1 -4.59 -13.49 20.37
CA GLN C 1 -4.52 -14.92 20.15
C GLN C 1 -4.33 -15.25 18.68
N VAL C 2 -4.03 -14.23 17.88
CA VAL C 2 -3.68 -14.46 16.49
C VAL C 2 -2.30 -15.07 16.43
N GLN C 3 -2.19 -16.25 15.80
CA GLN C 3 -0.92 -16.96 15.72
C GLN C 3 -0.69 -17.48 14.32
N LEU C 4 0.57 -17.47 13.90
CA LEU C 4 1.00 -18.02 12.63
C LEU C 4 2.15 -18.98 12.91
N GLN C 5 2.06 -20.21 12.43
CA GLN C 5 3.07 -21.23 12.68
C GLN C 5 3.50 -21.86 11.37
N GLU C 6 4.76 -21.65 11.00
CA GLU C 6 5.33 -22.18 9.77
C GLU C 6 5.91 -23.58 9.99
N SER C 7 6.08 -24.30 8.88
CA SER C 7 6.74 -25.60 8.91
C SER C 7 7.17 -25.93 7.49
N GLY C 8 8.06 -26.92 7.38
CA GLY C 8 8.53 -27.40 6.10
C GLY C 8 9.95 -27.00 5.76
N GLY C 9 10.56 -26.09 6.51
CA GLY C 9 11.95 -25.75 6.26
C GLY C 9 12.85 -26.96 6.44
N ASP C 10 13.84 -27.07 5.55
CA ASP C 10 14.69 -28.26 5.55
C ASP C 10 15.94 -27.96 4.76
N LEU C 11 16.89 -28.89 4.83
CA LEU C 11 18.04 -28.90 3.93
C LEU C 11 17.61 -29.50 2.60
N VAL C 12 18.00 -28.85 1.50
CA VAL C 12 17.59 -29.29 0.17
C VAL C 12 18.72 -28.98 -0.80
N GLN C 13 18.88 -29.84 -1.81
CA GLN C 13 19.97 -29.70 -2.76
C GLN C 13 19.69 -28.57 -3.75
N PRO C 14 20.73 -27.95 -4.30
CA PRO C 14 20.54 -27.04 -5.44
C PRO C 14 19.78 -27.73 -6.56
N GLY C 15 18.81 -27.01 -7.12
CA GLY C 15 17.89 -27.57 -8.10
C GLY C 15 16.71 -28.31 -7.51
N GLY C 16 16.66 -28.48 -6.19
CA GLY C 16 15.57 -29.21 -5.58
C GLY C 16 14.33 -28.37 -5.35
N SER C 17 13.36 -29.00 -4.70
CA SER C 17 12.08 -28.37 -4.42
C SER C 17 11.73 -28.53 -2.94
N LEU C 18 10.85 -27.65 -2.47
CA LEU C 18 10.35 -27.73 -1.10
C LEU C 18 8.98 -27.08 -1.07
N ARG C 19 8.15 -27.47 -0.10
CA ARG C 19 6.87 -26.79 0.11
C ARG C 19 6.79 -26.38 1.58
N LEU C 20 6.73 -25.07 1.82
CA LEU C 20 6.49 -24.54 3.16
C LEU C 20 4.99 -24.41 3.39
N SER C 21 4.59 -24.51 4.65
CA SER C 21 3.20 -24.27 5.03
C SER C 21 3.17 -23.36 6.25
N CYS C 22 2.03 -22.68 6.42
CA CYS C 22 1.82 -21.78 7.54
C CYS C 22 0.40 -21.97 8.03
N ALA C 23 0.28 -22.39 9.29
CA ALA C 23 -1.04 -22.57 9.89
C ALA C 23 -1.42 -21.32 10.66
N ALA C 24 -2.60 -20.79 10.36
CA ALA C 24 -3.11 -19.58 10.98
C ALA C 24 -4.24 -19.94 11.94
N SER C 25 -4.30 -19.24 13.07
CA SER C 25 -5.34 -19.46 14.06
C SER C 25 -5.62 -18.16 14.79
N GLY C 26 -6.80 -18.09 15.40
CA GLY C 26 -7.19 -16.92 16.16
C GLY C 26 -7.81 -15.80 15.36
N PHE C 27 -8.11 -16.01 14.09
CA PHE C 27 -8.75 -15.00 13.27
C PHE C 27 -9.33 -15.66 12.03
N THR C 28 -10.24 -14.96 11.36
CA THR C 28 -10.84 -15.47 10.13
C THR C 28 -9.81 -15.40 9.01
N PHE C 29 -9.25 -16.55 8.64
CA PHE C 29 -8.13 -16.60 7.71
C PHE C 29 -8.50 -15.97 6.37
N SER C 30 -9.70 -16.24 5.87
CA SER C 30 -10.15 -15.73 4.58
C SER C 30 -10.42 -14.23 4.59
N SER C 31 -10.27 -13.56 5.72
CA SER C 31 -10.50 -12.12 5.80
C SER C 31 -9.22 -11.32 5.62
N SER C 32 -8.08 -11.95 5.35
CA SER C 32 -6.83 -11.21 5.27
C SER C 32 -5.94 -11.76 4.17
N ALA C 33 -5.20 -10.85 3.53
CA ALA C 33 -4.11 -11.23 2.65
C ALA C 33 -2.92 -11.72 3.46
N MET C 34 -2.07 -12.51 2.81
CA MET C 34 -0.99 -13.17 3.53
C MET C 34 0.28 -13.02 2.68
N THR C 35 1.44 -13.17 3.32
CA THR C 35 2.70 -12.91 2.64
C THR C 35 3.81 -13.77 3.21
N TRP C 36 4.83 -13.99 2.39
CA TRP C 36 6.09 -14.61 2.81
C TRP C 36 7.20 -13.57 2.70
N VAL C 37 8.00 -13.46 3.76
CA VAL C 37 9.16 -12.57 3.81
C VAL C 37 10.32 -13.40 4.35
N ARG C 38 11.48 -13.29 3.71
CA ARG C 38 12.62 -14.12 4.07
C ARG C 38 13.81 -13.27 4.50
N GLN C 39 14.76 -13.92 5.17
CA GLN C 39 15.93 -13.24 5.70
C GLN C 39 17.11 -14.18 5.63
N ALA C 40 18.03 -13.91 4.73
CA ALA C 40 19.27 -14.66 4.66
C ALA C 40 20.10 -14.40 5.92
N PRO C 41 20.95 -15.35 6.33
CA PRO C 41 21.71 -15.20 7.58
C PRO C 41 22.52 -13.92 7.63
N GLY C 42 22.31 -13.11 8.66
CA GLY C 42 23.00 -11.84 8.80
C GLY C 42 22.57 -10.74 7.86
N LYS C 43 21.54 -10.95 7.04
CA LYS C 43 21.07 -9.99 6.07
C LYS C 43 19.74 -9.38 6.51
N GLY C 44 19.14 -8.58 5.63
CA GLY C 44 17.91 -7.89 5.94
C GLY C 44 16.69 -8.65 5.45
N LEU C 45 15.54 -8.05 5.71
CA LEU C 45 14.27 -8.65 5.29
C LEU C 45 14.07 -8.43 3.80
N GLU C 46 13.59 -9.48 3.12
CA GLU C 46 13.29 -9.43 1.70
C GLU C 46 11.92 -10.04 1.46
N TRP C 47 11.00 -9.24 0.95
CA TRP C 47 9.69 -9.76 0.57
C TRP C 47 9.81 -10.80 -0.53
N VAL C 48 9.06 -11.89 -0.40
CA VAL C 48 9.09 -12.98 -1.37
C VAL C 48 7.83 -12.98 -2.24
N SER C 49 6.65 -12.97 -1.61
CA SER C 49 5.40 -13.12 -2.34
C SER C 49 4.26 -12.79 -1.39
N ASP C 50 3.12 -12.40 -1.96
CA ASP C 50 1.89 -12.25 -1.21
C ASP C 50 0.70 -12.69 -2.05
N ILE C 51 -0.43 -12.85 -1.37
CA ILE C 51 -1.62 -13.44 -1.95
C ILE C 51 -2.85 -12.78 -1.34
N SER C 52 -3.87 -12.57 -2.16
CA SER C 52 -5.10 -11.91 -1.72
C SER C 52 -5.93 -12.84 -0.85
N ARG C 53 -7.01 -12.28 -0.29
CA ARG C 53 -7.86 -13.00 0.67
C ARG C 53 -8.30 -14.35 0.12
N ASN C 54 -8.78 -14.38 -1.13
CA ASN C 54 -9.30 -15.60 -1.72
C ASN C 54 -8.37 -16.22 -2.75
N GLY C 55 -7.12 -15.77 -2.82
CA GLY C 55 -6.15 -16.35 -3.74
C GLY C 55 -6.26 -15.88 -5.17
N GLY C 56 -7.15 -14.94 -5.48
CA GLY C 56 -7.29 -14.48 -6.85
C GLY C 56 -6.05 -13.78 -7.38
N SER C 57 -5.44 -12.93 -6.55
CA SER C 57 -4.29 -12.12 -6.93
C SER C 57 -3.05 -12.59 -6.18
N THR C 58 -1.92 -12.65 -6.88
CA THR C 58 -0.63 -12.97 -6.28
C THR C 58 0.44 -12.06 -6.87
N ASN C 59 1.48 -11.80 -6.08
CA ASN C 59 2.62 -11.02 -6.56
C ASN C 59 3.91 -11.65 -6.08
N TYR C 60 4.98 -11.44 -6.84
CA TYR C 60 6.25 -12.10 -6.59
C TYR C 60 7.39 -11.12 -6.75
N ALA C 61 8.39 -11.24 -5.87
CA ALA C 61 9.65 -10.55 -6.08
C ALA C 61 10.35 -11.10 -7.31
N ASP C 62 11.05 -10.23 -8.04
CA ASP C 62 11.76 -10.64 -9.24
C ASP C 62 12.72 -11.79 -8.97
N SER C 63 13.25 -11.87 -7.75
CA SER C 63 14.26 -12.87 -7.44
C SER C 63 13.70 -14.29 -7.36
N VAL C 64 12.37 -14.44 -7.32
CA VAL C 64 11.75 -15.76 -7.24
C VAL C 64 10.73 -15.99 -8.34
N LYS C 65 10.52 -15.03 -9.23
CA LYS C 65 9.57 -15.19 -10.33
C LYS C 65 9.99 -16.37 -11.21
N GLY C 66 9.00 -17.17 -11.63
CA GLY C 66 9.28 -18.33 -12.44
C GLY C 66 9.80 -19.54 -11.69
N ARG C 67 9.96 -19.46 -10.36
CA ARG C 67 10.40 -20.59 -9.56
C ARG C 67 9.49 -20.90 -8.38
N PHE C 68 8.94 -19.88 -7.71
CA PHE C 68 8.13 -20.06 -6.52
C PHE C 68 6.65 -19.90 -6.88
N THR C 69 5.80 -20.50 -6.06
CA THR C 69 4.34 -20.35 -6.21
C THR C 69 3.73 -20.21 -4.83
N ILE C 70 2.99 -19.14 -4.60
CA ILE C 70 2.25 -18.95 -3.37
C ILE C 70 0.82 -19.40 -3.60
N SER C 71 0.21 -19.97 -2.55
CA SER C 71 -1.17 -20.43 -2.65
C SER C 71 -1.71 -20.53 -1.24
N ARG C 72 -3.03 -20.71 -1.14
CA ARG C 72 -3.67 -20.82 0.17
C ARG C 72 -4.85 -21.77 0.08
N ASP C 73 -5.16 -22.40 1.21
CA ASP C 73 -6.34 -23.25 1.35
C ASP C 73 -7.17 -22.66 2.47
N ASN C 74 -8.15 -21.82 2.14
CA ASN C 74 -8.90 -21.13 3.18
C ASN C 74 -9.74 -22.08 4.02
N SER C 75 -10.13 -23.24 3.48
CA SER C 75 -10.85 -24.23 4.27
C SER C 75 -9.95 -24.92 5.29
N LYS C 76 -8.63 -24.84 5.13
CA LYS C 76 -7.69 -25.45 6.07
C LYS C 76 -6.89 -24.42 6.86
N ASN C 77 -7.18 -23.12 6.71
CA ASN C 77 -6.47 -22.05 7.42
C ASN C 77 -4.96 -22.13 7.19
N THR C 78 -4.55 -22.45 5.96
CA THR C 78 -3.15 -22.70 5.67
C THR C 78 -2.69 -21.88 4.47
N LEU C 79 -1.49 -21.31 4.60
CA LEU C 79 -0.79 -20.64 3.52
C LEU C 79 0.37 -21.50 3.08
N TYR C 80 0.67 -21.50 1.78
CA TYR C 80 1.71 -22.35 1.21
C TYR C 80 2.71 -21.52 0.42
N LEU C 81 3.96 -21.98 0.40
CA LEU C 81 4.98 -21.47 -0.52
C LEU C 81 5.66 -22.68 -1.13
N GLN C 82 5.39 -22.91 -2.41
CA GLN C 82 6.02 -24.01 -3.16
C GLN C 82 7.24 -23.44 -3.88
N MET C 83 8.39 -24.06 -3.68
CA MET C 83 9.64 -23.56 -4.24
C MET C 83 10.27 -24.60 -5.13
N ASN C 84 10.48 -24.24 -6.40
CA ASN C 84 11.21 -25.07 -7.35
C ASN C 84 12.53 -24.40 -7.70
N SER C 85 13.42 -25.17 -8.32
CA SER C 85 14.69 -24.67 -8.84
C SER C 85 15.45 -23.90 -7.76
N LEU C 86 15.47 -24.47 -6.56
CA LEU C 86 16.11 -23.79 -5.44
C LEU C 86 17.60 -23.63 -5.70
N ARG C 87 18.15 -22.54 -5.16
CA ARG C 87 19.58 -22.28 -5.31
C ARG C 87 20.12 -21.70 -4.01
N ALA C 88 21.45 -21.72 -3.89
CA ALA C 88 22.09 -21.42 -2.61
C ALA C 88 21.64 -20.07 -2.04
N GLU C 89 21.39 -19.08 -2.90
CA GLU C 89 21.01 -17.76 -2.40
C GLU C 89 19.56 -17.69 -1.92
N ASP C 90 18.80 -18.78 -2.03
CA ASP C 90 17.50 -18.87 -1.38
C ASP C 90 17.60 -19.31 0.08
N THR C 91 18.81 -19.64 0.55
CA THR C 91 19.01 -20.02 1.95
C THR C 91 18.61 -18.85 2.85
N ALA C 92 17.61 -19.07 3.70
CA ALA C 92 17.08 -17.98 4.51
C ALA C 92 16.08 -18.53 5.49
N VAL C 93 15.76 -17.72 6.50
CA VAL C 93 14.60 -17.95 7.35
C VAL C 93 13.39 -17.36 6.63
N TYR C 94 12.36 -18.18 6.44
CA TYR C 94 11.15 -17.78 5.73
C TYR C 94 10.07 -17.50 6.75
N TYR C 95 9.60 -16.25 6.79
CA TYR C 95 8.56 -15.82 7.72
C TYR C 95 7.22 -15.79 7.01
N CYS C 96 6.22 -16.38 7.65
CA CYS C 96 4.83 -16.18 7.27
C CYS C 96 4.33 -14.94 7.99
N ALA C 97 3.54 -14.12 7.29
CA ALA C 97 3.05 -12.89 7.91
C ALA C 97 1.68 -12.55 7.35
N ARG C 98 0.83 -12.00 8.22
CA ARG C 98 -0.48 -11.55 7.81
C ARG C 98 -0.37 -10.12 7.31
N GLU C 99 -0.76 -9.88 6.06
CA GLU C 99 -0.71 -8.53 5.50
C GLU C 99 -2.03 -7.83 5.79
N GLY C 100 -2.21 -7.49 7.07
CA GLY C 100 -3.48 -7.04 7.58
C GLY C 100 -3.81 -5.58 7.34
N TYR C 101 -2.83 -4.77 6.94
CA TYR C 101 -3.07 -3.36 6.62
C TYR C 101 -3.50 -3.28 5.16
N ASP C 102 -4.75 -2.87 4.93
CA ASP C 102 -5.28 -2.84 3.58
C ASP C 102 -6.38 -1.77 3.51
N PHE C 103 -6.82 -1.49 2.28
CA PHE C 103 -7.92 -0.56 2.07
C PHE C 103 -8.71 -0.99 0.84
N TRP C 104 -10.00 -0.69 0.86
CA TRP C 104 -10.88 -0.98 -0.26
C TRP C 104 -10.83 0.16 -1.27
N SER C 105 -10.66 -0.18 -2.54
CA SER C 105 -10.63 0.82 -3.60
C SER C 105 -11.95 0.74 -4.35
N GLY C 106 -12.71 1.85 -4.33
CA GLY C 106 -13.98 1.85 -5.02
C GLY C 106 -13.84 1.75 -6.52
N ARG C 107 -12.85 2.44 -7.09
CA ARG C 107 -12.74 2.50 -8.55
C ARG C 107 -12.32 1.15 -9.13
N GLU C 108 -11.42 0.46 -8.45
CA GLU C 108 -10.89 -0.84 -8.97
C GLU C 108 -11.64 -2.04 -8.34
N ARG C 109 -12.61 -1.77 -7.48
CA ARG C 109 -13.44 -2.82 -6.85
C ARG C 109 -12.57 -3.94 -6.26
N ARG C 110 -11.66 -3.57 -5.38
CA ARG C 110 -10.77 -4.59 -4.77
C ARG C 110 -10.01 -4.04 -3.57
N TYR C 111 -9.59 -4.94 -2.69
CA TYR C 111 -8.73 -4.57 -1.59
C TYR C 111 -7.29 -4.45 -2.07
N TYR C 112 -6.57 -3.47 -1.55
CA TYR C 112 -5.14 -3.34 -1.75
C TYR C 112 -4.47 -3.50 -0.40
N TYR C 113 -3.66 -4.56 -0.26
CA TYR C 113 -3.00 -4.92 1.01
C TYR C 113 -1.53 -4.56 0.91
N TYR C 114 -0.98 -3.87 1.90
CA TYR C 114 0.39 -3.32 1.72
C TYR C 114 1.28 -3.41 2.96
N GLY C 115 0.78 -3.93 4.08
CA GLY C 115 1.58 -3.93 5.33
C GLY C 115 1.31 -5.11 6.24
N MET C 116 2.28 -5.45 7.07
CA MET C 116 2.18 -6.66 7.87
C MET C 116 1.91 -6.31 9.33
N ASP C 117 0.86 -6.90 9.89
CA ASP C 117 0.54 -6.62 11.29
C ASP C 117 0.85 -7.77 12.24
N VAL C 118 0.99 -9.00 11.75
CA VAL C 118 1.36 -10.16 12.56
C VAL C 118 2.41 -10.97 11.81
N TRP C 119 3.42 -11.45 12.54
CA TRP C 119 4.50 -12.23 11.97
C TRP C 119 4.54 -13.62 12.59
N GLY C 120 4.97 -14.59 11.79
CA GLY C 120 5.14 -15.95 12.25
C GLY C 120 6.44 -16.16 13.00
N GLN C 121 6.79 -17.43 13.16
CA GLN C 121 7.99 -17.84 13.87
C GLN C 121 9.21 -17.99 12.97
N GLY C 122 9.02 -18.15 11.67
CA GLY C 122 10.11 -18.44 10.76
C GLY C 122 10.40 -19.92 10.65
N THR C 123 10.83 -20.33 9.45
CA THR C 123 11.33 -21.68 9.21
C THR C 123 12.55 -21.56 8.31
N LEU C 124 13.62 -22.27 8.66
CA LEU C 124 14.90 -22.13 7.97
C LEU C 124 14.98 -23.07 6.78
N VAL C 125 15.33 -22.52 5.61
CA VAL C 125 15.59 -23.29 4.41
C VAL C 125 17.07 -23.17 4.09
N THR C 126 17.75 -24.31 3.93
CA THR C 126 19.16 -24.34 3.59
C THR C 126 19.35 -25.08 2.28
N VAL C 127 19.87 -24.38 1.26
CA VAL C 127 20.10 -24.96 -0.06
C VAL C 127 21.59 -25.25 -0.20
N SER C 128 21.94 -26.54 -0.23
CA SER C 128 23.34 -26.94 -0.20
C SER C 128 23.47 -28.39 -0.62
N SER C 129 24.63 -28.72 -1.19
CA SER C 129 24.96 -30.10 -1.54
C SER C 129 25.53 -30.89 -0.36
N ALA C 130 25.92 -30.23 0.73
CA ALA C 130 26.50 -30.92 1.86
C ALA C 130 25.47 -31.80 2.55
N SER C 131 25.98 -32.82 3.25
CA SER C 131 25.15 -33.79 3.95
C SER C 131 24.88 -33.35 5.38
N THR C 132 23.71 -33.76 5.89
CA THR C 132 23.41 -33.59 7.30
C THR C 132 24.44 -34.31 8.16
N LYS C 133 24.86 -33.64 9.25
CA LYS C 133 25.77 -34.22 10.21
C LYS C 133 25.39 -33.74 11.60
N GLY C 134 25.21 -34.68 12.51
CA GLY C 134 24.91 -34.37 13.89
C GLY C 134 26.14 -33.93 14.65
N PRO C 135 25.95 -33.09 15.67
CA PRO C 135 27.08 -32.56 16.42
C PRO C 135 27.51 -33.46 17.56
N SER C 136 28.76 -33.29 17.97
CA SER C 136 29.24 -33.76 19.25
C SER C 136 29.18 -32.63 20.26
N VAL C 137 28.80 -32.95 21.49
CA VAL C 137 28.66 -31.97 22.55
C VAL C 137 29.74 -32.24 23.59
N PHE C 138 30.60 -31.26 23.83
CA PHE C 138 31.69 -31.39 24.77
C PHE C 138 31.54 -30.37 25.89
N PRO C 139 31.95 -30.72 27.11
CA PRO C 139 31.79 -29.78 28.23
C PRO C 139 32.85 -28.69 28.18
N LEU C 140 32.43 -27.49 28.55
CA LEU C 140 33.33 -26.38 28.85
C LEU C 140 33.35 -26.28 30.37
N ALA C 141 34.28 -26.99 30.99
CA ALA C 141 34.24 -27.24 32.43
C ALA C 141 34.94 -26.11 33.19
N PRO C 142 34.33 -25.66 34.29
CA PRO C 142 34.91 -24.53 35.04
C PRO C 142 36.31 -24.86 35.53
N SER C 143 37.17 -23.86 35.54
CA SER C 143 38.49 -24.01 36.11
C SER C 143 38.39 -24.10 37.62
N SER C 144 38.89 -25.19 38.19
CA SER C 144 38.77 -25.41 39.64
C SER C 144 39.51 -24.29 40.37
N LYS C 145 40.49 -23.69 39.70
CA LYS C 145 41.19 -22.51 40.29
C LYS C 145 40.22 -21.32 40.24
N GLY C 149 37.25 -15.76 41.64
CA GLY C 149 36.29 -16.06 42.74
C GLY C 149 34.92 -15.47 42.51
N GLY C 150 33.92 -15.97 43.23
CA GLY C 150 32.55 -15.45 43.12
C GLY C 150 31.87 -15.94 41.89
N THR C 151 32.33 -15.52 40.72
CA THR C 151 31.70 -15.87 39.45
C THR C 151 32.53 -16.93 38.74
N ALA C 152 31.91 -18.07 38.44
CA ALA C 152 32.49 -19.10 37.60
C ALA C 152 31.76 -19.11 36.25
N ALA C 153 32.37 -19.77 35.27
CA ALA C 153 31.78 -19.92 33.94
C ALA C 153 31.89 -21.37 33.50
N LEU C 154 30.81 -21.88 32.93
CA LEU C 154 30.81 -23.22 32.36
C LEU C 154 29.93 -23.20 31.12
N GLY C 155 30.02 -24.26 30.32
CA GLY C 155 29.25 -24.27 29.09
C GLY C 155 29.39 -25.58 28.35
N CYS C 156 28.92 -25.54 27.10
CA CYS C 156 28.90 -26.69 26.21
C CYS C 156 29.38 -26.24 24.84
N LEU C 157 30.30 -27.01 24.27
CA LEU C 157 30.77 -26.80 22.91
C LEU C 157 30.03 -27.77 21.99
N VAL C 158 29.26 -27.23 21.06
CA VAL C 158 28.46 -28.02 20.12
C VAL C 158 29.21 -27.97 18.78
N LYS C 159 29.94 -29.05 18.50
CA LYS C 159 30.87 -28.98 17.35
C LYS C 159 30.58 -29.87 16.15
N ASP C 160 30.99 -29.41 14.96
CA ASP C 160 30.94 -30.20 13.71
C ASP C 160 29.51 -30.66 13.40
N TYR C 161 28.59 -29.73 13.11
CA TYR C 161 27.22 -30.12 12.69
C TYR C 161 26.82 -29.43 11.38
N PHE C 162 25.82 -29.96 10.70
CA PHE C 162 25.30 -29.34 9.49
C PHE C 162 23.92 -29.93 9.20
N PRO C 163 22.95 -29.12 8.76
CA PRO C 163 23.00 -27.65 8.59
C PRO C 163 22.66 -26.94 9.88
N GLU C 164 22.49 -25.63 9.82
CA GLU C 164 21.89 -24.92 10.92
C GLU C 164 20.44 -25.37 11.07
N PRO C 165 19.83 -25.17 12.26
CA PRO C 165 20.38 -24.61 13.49
C PRO C 165 20.52 -25.62 14.61
N VAL C 166 21.18 -25.26 15.70
CA VAL C 166 21.06 -25.98 16.96
C VAL C 166 20.54 -25.01 18.01
N THR C 167 19.68 -25.52 18.88
CA THR C 167 19.20 -24.74 20.02
C THR C 167 19.79 -25.31 21.30
N VAL C 168 20.15 -24.43 22.23
CA VAL C 168 20.69 -24.83 23.51
C VAL C 168 19.86 -24.17 24.60
N SER C 169 19.38 -24.97 25.55
CA SER C 169 18.80 -24.47 26.79
C SER C 169 19.57 -25.06 27.95
N TRP C 170 19.41 -24.43 29.11
CA TRP C 170 20.08 -24.85 30.33
C TRP C 170 19.04 -25.21 31.38
N ASN C 171 19.19 -26.39 31.97
CA ASN C 171 18.26 -26.90 32.99
C ASN C 171 16.83 -26.90 32.47
N SER C 172 16.66 -27.36 31.22
CA SER C 172 15.35 -27.50 30.59
C SER C 172 14.53 -26.21 30.65
N GLY C 173 15.22 -25.07 30.55
CA GLY C 173 14.56 -23.78 30.52
C GLY C 173 14.48 -23.05 31.85
N ALA C 174 14.88 -23.70 32.95
CA ALA C 174 14.85 -23.03 34.24
C ALA C 174 15.96 -21.99 34.36
N LEU C 175 17.14 -22.29 33.80
CA LEU C 175 18.28 -21.39 33.87
C LEU C 175 18.29 -20.49 32.63
N THR C 176 18.13 -19.18 32.84
CA THR C 176 18.19 -18.24 31.73
C THR C 176 19.13 -17.08 32.03
N SER C 177 19.22 -16.70 33.31
CA SER C 177 20.09 -15.59 33.69
C SER C 177 21.56 -15.97 33.50
N GLY C 178 22.31 -15.08 32.88
CA GLY C 178 23.73 -15.30 32.65
C GLY C 178 24.07 -16.19 31.47
N VAL C 179 23.08 -16.65 30.70
CA VAL C 179 23.34 -17.56 29.59
C VAL C 179 23.72 -16.74 28.37
N HIS C 180 24.78 -17.16 27.68
CA HIS C 180 25.19 -16.57 26.41
C HIS C 180 25.40 -17.70 25.40
N THR C 181 24.46 -17.84 24.47
CA THR C 181 24.58 -18.79 23.37
C THR C 181 25.07 -18.02 22.16
N PHE C 182 26.26 -18.35 21.71
CA PHE C 182 26.95 -17.57 20.69
C PHE C 182 26.48 -17.96 19.29
N PRO C 183 26.56 -17.03 18.34
CA PRO C 183 26.33 -17.40 16.94
C PRO C 183 27.31 -18.48 16.51
N ALA C 184 26.82 -19.41 15.69
CA ALA C 184 27.68 -20.46 15.18
C ALA C 184 28.70 -19.89 14.21
N VAL C 185 29.89 -20.48 14.19
CA VAL C 185 30.92 -20.17 13.21
C VAL C 185 30.98 -21.32 12.21
N LEU C 186 31.22 -20.97 10.95
CA LEU C 186 31.41 -21.97 9.90
C LEU C 186 32.90 -22.28 9.78
N GLN C 187 33.27 -23.51 10.07
CA GLN C 187 34.67 -23.89 10.02
C GLN C 187 35.10 -24.23 8.60
N SER C 188 36.43 -24.24 8.41
CA SER C 188 36.96 -24.55 7.09
C SER C 188 36.55 -25.93 6.60
N SER C 189 36.15 -26.81 7.51
CA SER C 189 35.66 -28.13 7.14
C SER C 189 34.26 -28.09 6.53
N GLY C 190 33.60 -26.94 6.53
CA GLY C 190 32.22 -26.86 6.10
C GLY C 190 31.20 -27.24 7.14
N LEU C 191 31.61 -27.49 8.38
CA LEU C 191 30.70 -27.78 9.47
C LEU C 191 30.62 -26.58 10.42
N TYR C 192 29.49 -26.47 11.09
CA TYR C 192 29.29 -25.41 12.07
C TYR C 192 29.74 -25.85 13.46
N SER C 193 29.95 -24.86 14.32
CA SER C 193 30.30 -25.13 15.72
C SER C 193 29.93 -23.90 16.53
N LEU C 194 29.24 -24.09 17.64
CA LEU C 194 28.92 -22.98 18.53
C LEU C 194 29.12 -23.39 19.97
N SER C 195 29.31 -22.39 20.82
CA SER C 195 29.41 -22.54 22.25
C SER C 195 28.21 -21.89 22.92
N SER C 196 27.77 -22.49 24.02
CA SER C 196 26.79 -21.89 24.91
C SER C 196 27.39 -21.90 26.31
N VAL C 197 27.42 -20.74 26.96
CA VAL C 197 28.03 -20.60 28.28
C VAL C 197 27.02 -19.96 29.22
N VAL C 198 27.28 -20.13 30.52
CA VAL C 198 26.50 -19.47 31.56
C VAL C 198 27.44 -19.16 32.71
N THR C 199 27.29 -17.97 33.28
CA THR C 199 28.05 -17.57 34.45
C THR C 199 27.20 -17.81 35.69
N VAL C 200 27.77 -18.50 36.66
CA VAL C 200 27.06 -18.87 37.88
C VAL C 200 27.94 -18.55 39.09
N PRO C 201 27.35 -18.37 40.27
CA PRO C 201 28.15 -18.21 41.48
C PRO C 201 29.04 -19.42 41.73
N SER C 202 30.31 -19.16 42.07
CA SER C 202 31.24 -20.24 42.35
C SER C 202 30.76 -21.09 43.53
N SER C 203 30.09 -20.48 44.50
CA SER C 203 29.59 -21.24 45.65
C SER C 203 28.46 -22.18 45.28
N SER C 204 27.95 -22.06 44.05
CA SER C 204 26.86 -22.93 43.59
C SER C 204 27.41 -24.17 42.90
N LEU C 205 28.68 -24.14 42.53
CA LEU C 205 29.25 -25.24 41.70
C LEU C 205 28.98 -26.61 42.34
N GLY C 206 29.34 -26.78 43.60
CA GLY C 206 29.22 -28.10 44.22
C GLY C 206 27.79 -28.49 44.51
N THR C 207 26.88 -27.51 44.60
CA THR C 207 25.48 -27.79 45.02
C THR C 207 24.50 -27.86 43.84
N GLN C 208 24.58 -26.94 42.88
CA GLN C 208 23.56 -26.88 41.80
C GLN C 208 24.00 -27.68 40.57
N THR C 209 23.07 -28.39 39.94
CA THR C 209 23.37 -29.17 38.71
C THR C 209 23.16 -28.29 37.48
N TYR C 210 24.06 -28.38 36.51
CA TYR C 210 23.98 -27.55 35.30
C TYR C 210 24.01 -28.46 34.07
N ILE C 211 22.87 -28.58 33.40
CA ILE C 211 22.72 -29.43 32.23
C ILE C 211 22.38 -28.56 31.03
N CYS C 212 23.13 -28.72 29.95
CA CYS C 212 22.81 -28.06 28.68
C CYS C 212 22.04 -29.03 27.80
N ASN C 213 20.88 -28.55 27.33
CA ASN C 213 20.02 -29.37 26.44
C ASN C 213 20.26 -28.94 25.00
N VAL C 214 21.00 -29.74 24.26
CA VAL C 214 21.35 -29.44 22.87
C VAL C 214 20.36 -30.15 21.96
N ASN C 215 19.86 -29.42 20.97
CA ASN C 215 18.88 -29.93 20.01
C ASN C 215 19.33 -29.58 18.60
N HIS C 216 19.59 -30.61 17.80
CA HIS C 216 19.84 -30.46 16.36
C HIS C 216 18.81 -31.32 15.65
N LYS C 217 17.65 -30.72 15.37
CA LYS C 217 16.57 -31.47 14.72
C LYS C 217 16.92 -32.04 13.36
N PRO C 218 17.72 -31.37 12.49
CA PRO C 218 18.03 -31.99 11.19
C PRO C 218 18.59 -33.41 11.27
N SER C 219 19.30 -33.74 12.35
CA SER C 219 19.86 -35.07 12.51
C SER C 219 19.19 -35.85 13.64
N ASN C 220 18.05 -35.34 14.14
CA ASN C 220 17.35 -35.92 15.28
C ASN C 220 18.32 -36.13 16.45
N THR C 221 19.19 -35.16 16.68
CA THR C 221 20.16 -35.22 17.76
C THR C 221 19.61 -34.47 18.97
N LYS C 222 19.48 -35.17 20.10
CA LYS C 222 19.06 -34.57 21.35
C LYS C 222 20.03 -35.02 22.42
N VAL C 223 20.73 -34.06 23.04
CA VAL C 223 21.78 -34.36 24.00
C VAL C 223 21.59 -33.47 25.22
N ASP C 224 21.54 -34.09 26.41
CA ASP C 224 21.58 -33.39 27.68
C ASP C 224 22.92 -33.72 28.35
N LYS C 225 23.84 -32.76 28.33
CA LYS C 225 25.17 -32.94 28.90
C LYS C 225 25.26 -32.19 30.22
N LYS C 226 25.61 -32.89 31.29
CA LYS C 226 25.82 -32.26 32.59
C LYS C 226 27.28 -31.83 32.70
N VAL C 227 27.49 -30.59 33.15
CA VAL C 227 28.81 -29.98 33.19
C VAL C 227 29.22 -29.76 34.64
N GLU C 228 30.47 -30.10 34.95
CA GLU C 228 30.98 -30.03 36.31
C GLU C 228 32.49 -29.83 36.28
N PRO C 229 33.08 -29.25 37.34
CA PRO C 229 34.54 -28.99 37.33
C PRO C 229 35.37 -30.23 37.62
N ILE D 10 -42.23 6.47 -26.01
CA ILE D 10 -43.46 5.78 -25.53
C ILE D 10 -43.21 5.28 -24.10
N GLU D 11 -42.03 4.73 -23.84
CA GLU D 11 -41.74 4.16 -22.50
C GLU D 11 -41.34 5.26 -21.52
N CYS D 12 -42.01 5.32 -20.37
CA CYS D 12 -41.60 6.27 -19.32
C CYS D 12 -40.41 5.63 -18.59
N ASP D 13 -39.64 6.40 -17.85
CA ASP D 13 -38.40 5.90 -17.24
C ASP D 13 -38.58 5.44 -15.80
N SER D 14 -39.05 6.36 -14.93
CA SER D 14 -39.12 6.08 -13.50
C SER D 14 -39.92 4.82 -13.23
N SER D 15 -40.95 4.59 -14.03
CA SER D 15 -41.67 3.33 -14.05
C SER D 15 -41.41 2.62 -15.37
N GLY D 16 -41.84 1.37 -15.44
CA GLY D 16 -41.85 0.67 -16.72
C GLY D 16 -42.97 1.11 -17.64
N THR D 17 -43.71 2.14 -17.23
CA THR D 17 -44.87 2.63 -17.96
C THR D 17 -44.51 2.94 -19.41
N CYS D 18 -45.49 2.70 -20.29
CA CYS D 18 -45.43 3.09 -21.69
C CYS D 18 -46.66 3.93 -22.03
N ILE D 19 -46.46 4.93 -22.89
CA ILE D 19 -47.52 5.83 -23.33
C ILE D 19 -47.43 6.02 -24.84
N ASN D 20 -48.49 6.61 -25.40
CA ASN D 20 -48.55 6.82 -26.83
C ASN D 20 -47.61 7.96 -27.23
N PRO D 21 -46.91 7.83 -28.37
CA PRO D 21 -46.03 8.91 -28.81
C PRO D 21 -46.72 10.26 -28.96
N SER D 22 -48.01 10.27 -29.31
CA SER D 22 -48.74 11.54 -29.39
C SER D 22 -48.85 12.21 -28.04
N ASN D 23 -48.70 11.47 -26.95
CA ASN D 23 -48.73 12.03 -25.60
C ASN D 23 -47.35 12.45 -25.10
N TRP D 24 -46.32 12.34 -25.95
CA TRP D 24 -44.99 12.85 -25.54
C TRP D 24 -44.89 14.36 -25.82
N CYS D 25 -44.65 15.16 -24.79
CA CYS D 25 -44.49 16.63 -24.94
C CYS D 25 -45.78 17.23 -25.49
N ASP D 26 -46.89 17.02 -24.80
CA ASP D 26 -48.21 17.54 -25.26
C ASP D 26 -48.80 18.48 -24.22
N GLY D 27 -47.98 18.98 -23.30
CA GLY D 27 -48.49 19.84 -22.25
C GLY D 27 -49.25 19.16 -21.13
N VAL D 28 -49.58 17.88 -21.26
CA VAL D 28 -50.35 17.13 -20.26
C VAL D 28 -49.48 16.02 -19.70
N SER D 29 -49.46 15.88 -18.38
CA SER D 29 -48.63 14.87 -17.73
C SER D 29 -49.28 13.49 -17.86
N HIS D 30 -48.60 12.56 -18.52
CA HIS D 30 -49.06 11.19 -18.63
C HIS D 30 -48.16 10.17 -17.96
N CYS D 31 -46.84 10.36 -17.96
CA CYS D 31 -45.97 9.48 -17.19
C CYS D 31 -46.09 9.76 -15.70
N PRO D 32 -46.10 8.72 -14.87
CA PRO D 32 -46.08 8.95 -13.41
C PRO D 32 -44.89 9.79 -12.98
N GLY D 33 -43.73 9.60 -13.59
CA GLY D 33 -42.57 10.41 -13.27
C GLY D 33 -42.44 11.71 -14.02
N GLY D 34 -43.39 12.02 -14.91
CA GLY D 34 -43.33 13.25 -15.68
C GLY D 34 -42.35 13.26 -16.83
N GLU D 35 -41.75 12.10 -17.16
CA GLU D 35 -40.71 12.07 -18.19
C GLU D 35 -41.19 12.60 -19.52
N ASP D 36 -42.48 12.42 -19.84
CA ASP D 36 -43.02 12.81 -21.13
C ASP D 36 -43.13 14.33 -21.29
N GLU D 37 -43.02 15.10 -20.20
CA GLU D 37 -43.25 16.54 -20.26
C GLU D 37 -42.16 17.36 -19.56
N ASN D 38 -41.01 16.78 -19.27
CA ASN D 38 -39.93 17.54 -18.63
C ASN D 38 -38.61 17.46 -19.38
N ARG D 39 -38.59 16.93 -20.60
CA ARG D 39 -37.43 16.97 -21.46
C ARG D 39 -37.85 17.32 -22.89
N CYS D 40 -38.65 18.37 -23.02
CA CYS D 40 -39.18 18.80 -24.31
C CYS D 40 -38.35 19.89 -24.96
N VAL D 41 -37.37 20.43 -24.24
CA VAL D 41 -36.47 21.49 -24.72
C VAL D 41 -35.04 21.00 -24.56
N ARG D 42 -34.22 21.25 -25.58
CA ARG D 42 -32.82 20.85 -25.54
C ARG D 42 -31.98 21.81 -26.36
N LEU D 43 -30.67 21.77 -26.13
CA LEU D 43 -29.70 22.54 -26.87
C LEU D 43 -28.87 21.60 -27.72
N TYR D 44 -28.84 21.81 -29.03
CA TYR D 44 -28.25 20.87 -29.96
C TYR D 44 -26.88 21.34 -30.43
N GLY D 45 -25.89 20.45 -30.36
CA GLY D 45 -24.61 20.67 -30.98
C GLY D 45 -23.73 21.68 -30.27
N PRO D 46 -22.49 21.83 -30.75
CA PRO D 46 -21.55 22.75 -30.09
C PRO D 46 -21.91 24.22 -30.21
N ASN D 47 -22.92 24.57 -31.01
CA ASN D 47 -23.36 25.95 -31.16
C ASN D 47 -24.67 26.23 -30.45
N PHE D 48 -25.17 25.28 -29.65
CA PHE D 48 -26.30 25.50 -28.75
C PHE D 48 -27.58 25.86 -29.51
N ILE D 49 -27.90 25.10 -30.56
CA ILE D 49 -29.15 25.36 -31.28
C ILE D 49 -30.31 24.94 -30.41
N LEU D 50 -31.19 25.88 -30.11
CA LEU D 50 -32.37 25.55 -29.34
C LEU D 50 -33.31 24.67 -30.16
N GLN D 51 -33.72 23.55 -29.60
CA GLN D 51 -34.66 22.66 -30.26
C GLN D 51 -35.77 22.27 -29.30
N VAL D 52 -36.92 21.92 -29.88
CA VAL D 52 -38.11 21.56 -29.12
C VAL D 52 -38.74 20.34 -29.77
N TYR D 53 -39.19 19.39 -28.94
CA TYR D 53 -39.80 18.18 -29.45
C TYR D 53 -41.24 18.46 -29.86
N SER D 54 -41.58 18.11 -31.10
CA SER D 54 -42.92 18.27 -31.64
C SER D 54 -43.67 16.95 -31.52
N SER D 55 -44.81 16.98 -30.83
CA SER D 55 -45.64 15.78 -30.71
C SER D 55 -46.29 15.37 -32.03
N GLN D 56 -46.45 16.31 -32.96
CA GLN D 56 -47.06 15.99 -34.25
C GLN D 56 -46.08 15.23 -35.14
N ARG D 57 -44.94 15.83 -35.46
CA ARG D 57 -43.95 15.19 -36.31
C ARG D 57 -43.11 14.14 -35.58
N LYS D 58 -43.23 14.07 -34.26
CA LYS D 58 -42.48 13.12 -33.42
C LYS D 58 -40.98 13.24 -33.69
N SER D 59 -40.47 14.47 -33.62
CA SER D 59 -39.07 14.73 -33.90
C SER D 59 -38.67 16.06 -33.29
N TRP D 60 -37.36 16.29 -33.24
CA TRP D 60 -36.79 17.52 -32.73
C TRP D 60 -36.63 18.52 -33.87
N HIS D 61 -36.84 19.81 -33.55
CA HIS D 61 -36.80 20.84 -34.57
C HIS D 61 -36.28 22.15 -34.00
N PRO D 62 -35.46 22.88 -34.74
CA PRO D 62 -34.97 24.17 -34.24
C PRO D 62 -36.09 25.18 -34.08
N VAL D 63 -35.85 26.16 -33.22
CA VAL D 63 -36.83 27.19 -32.90
C VAL D 63 -36.49 28.45 -33.68
N CYS D 64 -37.48 28.99 -34.38
CA CYS D 64 -37.28 30.20 -35.16
C CYS D 64 -36.91 31.38 -34.26
N GLN D 65 -36.00 32.21 -34.75
CA GLN D 65 -35.67 33.48 -34.09
C GLN D 65 -36.86 34.44 -34.10
N ASP D 66 -37.86 34.19 -34.94
CA ASP D 66 -39.06 35.01 -35.07
C ASP D 66 -39.63 35.38 -33.71
N ASP D 67 -39.64 36.68 -33.40
CA ASP D 67 -40.29 37.22 -32.21
C ASP D 67 -39.63 36.77 -30.90
N TRP D 68 -38.51 36.05 -30.99
CA TRP D 68 -37.83 35.55 -29.80
C TRP D 68 -37.12 36.68 -29.08
N ASN D 69 -36.98 36.53 -27.76
CA ASN D 69 -36.25 37.51 -26.96
C ASN D 69 -35.77 36.82 -25.67
N GLU D 70 -35.17 37.61 -24.79
CA GLU D 70 -34.60 37.06 -23.56
C GLU D 70 -35.66 36.44 -22.65
N ASN D 71 -36.87 37.00 -22.64
CA ASN D 71 -37.93 36.42 -21.81
C ASN D 71 -38.18 34.97 -22.21
N TYR D 72 -38.20 34.70 -23.51
CA TYR D 72 -38.44 33.34 -24.00
C TYR D 72 -37.23 32.46 -23.75
N GLY D 73 -36.03 33.00 -23.96
CA GLY D 73 -34.83 32.21 -23.70
C GLY D 73 -34.71 31.84 -22.24
N ARG D 74 -35.04 32.78 -21.34
CA ARG D 74 -35.01 32.48 -19.91
C ARG D 74 -36.04 31.41 -19.57
N ALA D 75 -37.20 31.44 -20.22
CA ALA D 75 -38.23 30.44 -19.95
C ALA D 75 -37.79 29.06 -20.43
N ALA D 76 -37.09 29.00 -21.56
CA ALA D 76 -36.54 27.73 -22.02
C ALA D 76 -35.50 27.21 -21.04
N CYS D 77 -34.69 28.11 -20.48
CA CYS D 77 -33.66 27.71 -19.53
C CYS D 77 -34.29 27.14 -18.24
N ARG D 78 -35.31 27.82 -17.70
CA ARG D 78 -36.04 27.26 -16.57
C ARG D 78 -36.57 25.87 -16.87
N ASP D 79 -37.19 25.69 -18.04
CA ASP D 79 -37.77 24.40 -18.40
C ASP D 79 -36.72 23.32 -18.46
N MET D 80 -35.49 23.67 -18.83
CA MET D 80 -34.40 22.72 -18.91
C MET D 80 -33.81 22.37 -17.56
N GLY D 81 -34.18 23.10 -16.51
CA GLY D 81 -33.66 22.86 -15.18
C GLY D 81 -32.61 23.83 -14.70
N TYR D 82 -32.42 24.96 -15.38
CA TYR D 82 -31.38 25.91 -15.01
C TYR D 82 -31.88 27.01 -14.11
N LYS D 83 -33.14 26.97 -13.70
CA LYS D 83 -33.73 27.94 -12.79
C LYS D 83 -33.49 29.36 -13.31
N ASN D 84 -32.85 30.21 -12.51
CA ASN D 84 -32.72 31.62 -12.86
C ASN D 84 -31.49 31.93 -13.70
N ASN D 85 -30.73 30.91 -14.09
CA ASN D 85 -29.54 31.16 -14.90
C ASN D 85 -29.91 31.54 -16.33
N PHE D 86 -29.10 32.43 -16.91
CA PHE D 86 -29.20 32.79 -18.33
C PHE D 86 -27.87 33.43 -18.71
N TYR D 87 -27.28 32.99 -19.82
CA TYR D 87 -26.01 33.54 -20.27
C TYR D 87 -26.17 34.40 -21.52
N SER D 88 -26.44 33.81 -22.69
CA SER D 88 -26.48 34.59 -23.92
C SER D 88 -27.35 33.90 -24.94
N SER D 89 -27.87 34.70 -25.88
CA SER D 89 -28.69 34.16 -26.96
C SER D 89 -28.63 35.09 -28.16
N GLN D 90 -28.71 34.49 -29.34
CA GLN D 90 -28.70 35.24 -30.58
C GLN D 90 -29.21 34.34 -31.69
N GLY D 91 -29.62 34.96 -32.79
CA GLY D 91 -30.05 34.21 -33.96
C GLY D 91 -28.85 33.78 -34.79
N ILE D 92 -28.89 32.52 -35.25
CA ILE D 92 -27.87 31.97 -36.13
C ILE D 92 -28.55 31.24 -37.28
N VAL D 93 -27.77 31.00 -38.34
CA VAL D 93 -28.22 30.19 -39.46
C VAL D 93 -28.08 28.72 -39.08
N ASP D 94 -29.07 27.91 -39.44
CA ASP D 94 -29.13 26.54 -38.98
C ASP D 94 -27.98 25.71 -39.54
N ASP D 95 -27.20 25.08 -38.65
CA ASP D 95 -26.22 24.07 -39.02
C ASP D 95 -26.64 22.64 -38.65
N SER D 96 -27.81 22.43 -38.04
CA SER D 96 -28.23 21.07 -37.68
C SER D 96 -28.75 20.26 -38.86
N GLY D 97 -28.91 20.85 -40.04
CA GLY D 97 -29.44 20.07 -41.16
C GLY D 97 -30.92 19.80 -41.07
N SER D 98 -31.69 20.74 -40.54
CA SER D 98 -33.11 20.53 -40.35
C SER D 98 -33.91 21.09 -41.51
N THR D 99 -35.05 20.45 -41.77
CA THR D 99 -35.94 20.85 -42.84
C THR D 99 -37.12 21.68 -42.37
N SER D 100 -37.47 21.59 -41.09
CA SER D 100 -38.68 22.21 -40.58
C SER D 100 -38.41 22.76 -39.18
N PHE D 101 -39.26 23.68 -38.74
CA PHE D 101 -38.95 24.50 -37.57
C PHE D 101 -40.16 24.67 -36.68
N MET D 102 -39.93 25.28 -35.52
CA MET D 102 -40.96 25.65 -34.56
C MET D 102 -41.03 27.17 -34.45
N LYS D 103 -42.23 27.71 -34.64
CA LYS D 103 -42.44 29.16 -34.65
C LYS D 103 -43.20 29.61 -33.42
N LEU D 104 -42.83 30.76 -32.88
CA LEU D 104 -43.40 31.26 -31.65
C LEU D 104 -44.79 31.82 -31.89
N ASN D 105 -45.72 31.47 -31.00
CA ASN D 105 -47.05 32.08 -30.96
C ASN D 105 -47.04 33.08 -29.82
N THR D 106 -46.92 34.37 -30.15
CA THR D 106 -46.81 35.39 -29.12
C THR D 106 -48.09 35.61 -28.35
N SER D 107 -49.19 34.96 -28.74
CA SER D 107 -50.46 35.04 -28.01
C SER D 107 -50.82 33.72 -27.37
N ALA D 108 -49.83 32.87 -27.07
CA ALA D 108 -50.11 31.51 -26.62
C ALA D 108 -50.60 31.43 -25.19
N GLY D 109 -50.41 32.47 -24.39
CA GLY D 109 -50.80 32.40 -23.00
C GLY D 109 -49.71 31.83 -22.11
N ASN D 110 -50.10 31.51 -20.88
CA ASN D 110 -49.16 31.10 -19.84
C ASN D 110 -49.07 29.57 -19.81
N VAL D 111 -48.33 29.02 -20.77
CA VAL D 111 -48.05 27.59 -20.85
C VAL D 111 -46.55 27.41 -20.95
N ASP D 112 -46.10 26.15 -20.91
CA ASP D 112 -44.68 25.87 -21.06
C ASP D 112 -44.20 26.27 -22.45
N ILE D 113 -42.89 26.52 -22.56
CA ILE D 113 -42.31 27.07 -23.78
C ILE D 113 -42.65 26.19 -24.98
N TYR D 114 -42.46 24.88 -24.86
CA TYR D 114 -42.65 24.00 -26.00
C TYR D 114 -44.09 23.99 -26.49
N LYS D 115 -45.04 24.43 -25.68
CA LYS D 115 -46.43 24.51 -26.07
C LYS D 115 -46.80 25.85 -26.68
N LYS D 116 -45.88 26.82 -26.71
CA LYS D 116 -46.10 28.10 -27.36
C LYS D 116 -45.52 28.13 -28.77
N LEU D 117 -45.13 26.99 -29.31
CA LEU D 117 -44.50 26.90 -30.62
C LEU D 117 -45.33 26.00 -31.53
N TYR D 118 -45.42 26.38 -32.80
CA TYR D 118 -46.11 25.56 -33.80
C TYR D 118 -45.19 25.33 -34.98
N HIS D 119 -45.58 24.37 -35.83
N HIS D 119 -45.60 24.37 -35.81
CA HIS D 119 -44.76 24.02 -36.98
CA HIS D 119 -44.75 23.98 -36.97
C HIS D 119 -44.85 25.06 -38.07
C HIS D 119 -44.86 25.00 -38.12
N SER D 120 -43.72 25.30 -38.73
CA SER D 120 -43.64 26.20 -39.87
C SER D 120 -42.47 25.76 -40.74
N ASP D 121 -42.68 25.76 -42.05
CA ASP D 121 -41.65 25.28 -42.96
C ASP D 121 -40.49 26.26 -43.13
N ALA D 122 -40.63 27.49 -42.64
CA ALA D 122 -39.56 28.48 -42.70
C ALA D 122 -39.79 29.50 -41.60
N CYS D 123 -38.72 30.22 -41.26
CA CYS D 123 -38.75 31.30 -40.29
C CYS D 123 -38.70 32.63 -41.04
N SER D 124 -39.53 33.59 -40.60
CA SER D 124 -39.55 34.90 -41.26
C SER D 124 -38.24 35.65 -41.05
N SER D 125 -37.60 35.47 -39.90
CA SER D 125 -36.31 36.11 -39.65
C SER D 125 -35.15 35.35 -40.27
N LYS D 126 -35.40 34.17 -40.86
CA LYS D 126 -34.39 33.37 -41.55
C LYS D 126 -33.25 32.97 -40.62
N ALA D 127 -33.55 32.75 -39.34
CA ALA D 127 -32.54 32.39 -38.36
C ALA D 127 -33.20 31.56 -37.27
N VAL D 128 -32.40 30.72 -36.62
CA VAL D 128 -32.86 29.92 -35.50
C VAL D 128 -32.15 30.39 -34.23
N VAL D 129 -32.73 30.01 -33.09
CA VAL D 129 -32.27 30.49 -31.78
C VAL D 129 -31.06 29.67 -31.32
N SER D 130 -29.97 30.35 -31.00
CA SER D 130 -28.88 29.76 -30.23
C SER D 130 -28.95 30.29 -28.80
N LEU D 131 -28.88 29.39 -27.83
CA LEU D 131 -29.14 29.74 -26.44
C LEU D 131 -28.17 29.03 -25.51
N ARG D 132 -27.56 29.81 -24.61
CA ARG D 132 -26.70 29.29 -23.56
C ARG D 132 -27.26 29.73 -22.21
N CYS D 133 -27.60 28.77 -21.36
CA CYS D 133 -28.26 29.07 -20.10
C CYS D 133 -27.28 29.43 -18.99
N ILE D 134 -26.01 29.06 -19.11
CA ILE D 134 -25.03 29.28 -18.04
C ILE D 134 -23.67 29.51 -18.65
N ALA D 135 -22.90 30.39 -18.02
CA ALA D 135 -21.51 30.66 -18.42
C ALA D 135 -20.65 29.50 -17.93
N CYS D 136 -20.39 28.53 -18.80
CA CYS D 136 -19.61 27.36 -18.44
C CYS D 136 -18.53 27.14 -19.49
N GLY D 137 -17.60 26.23 -19.16
CA GLY D 137 -16.68 25.70 -20.13
C GLY D 137 -15.47 26.54 -20.45
N VAL D 138 -15.15 27.54 -19.63
CA VAL D 138 -13.95 28.34 -19.82
C VAL D 138 -13.07 28.19 -18.59
N ASN D 139 -11.76 28.06 -18.82
CA ASN D 139 -10.77 28.03 -17.75
C ASN D 139 -9.80 29.19 -17.94
N LEU D 140 -8.70 29.15 -17.20
CA LEU D 140 -7.72 30.24 -17.18
C LEU D 140 -8.36 31.59 -16.87
C1 NAG E . -51.94 31.02 -30.67
C2 NAG E . -52.73 30.27 -31.75
C3 NAG E . -54.22 30.58 -31.64
C4 NAG E . -54.72 30.43 -30.21
C5 NAG E . -53.85 31.26 -29.28
C6 NAG E . -54.24 31.12 -27.82
C7 NAG E . -51.45 29.80 -33.77
C8 NAG E . -51.06 30.31 -35.13
N2 NAG E . -52.24 30.61 -33.06
O3 NAG E . -54.92 29.70 -32.52
O4 NAG E . -56.05 30.93 -30.14
O5 NAG E . -52.48 30.80 -29.38
O6 NAG E . -54.63 29.80 -27.52
O7 NAG E . -51.08 28.73 -33.33
C1 NAG E . -56.99 29.86 -29.88
C2 NAG E . -58.34 30.50 -29.55
C3 NAG E . -59.42 29.44 -29.35
C4 NAG E . -59.43 28.46 -30.51
C5 NAG E . -58.03 27.89 -30.69
C6 NAG E . -57.91 26.90 -31.83
C7 NAG E . -58.09 32.64 -28.38
C8 NAG E . -57.94 33.31 -27.05
N2 NAG E . -58.26 31.32 -28.35
O3 NAG E . -60.67 30.10 -29.22
O4 NAG E . -60.31 27.38 -30.21
O5 NAG E . -57.12 28.98 -30.98
O6 NAG E . -58.01 27.54 -33.09
O7 NAG E . -58.07 33.27 -29.42
C1 BMA E . -61.50 27.47 -31.02
C2 BMA E . -62.30 26.21 -30.81
C3 BMA E . -63.62 26.27 -31.54
C4 BMA E . -64.38 27.51 -31.13
C5 BMA E . -63.52 28.76 -31.31
C6 BMA E . -64.17 30.00 -30.75
O2 BMA E . -62.51 25.99 -29.42
O3 BMA E . -64.37 25.11 -31.21
O4 BMA E . -65.55 27.65 -31.92
O5 BMA E . -62.27 28.60 -30.61
O6 BMA E . -64.83 29.73 -29.52
C1 MAN E . -64.95 24.53 -32.38
C2 MAN E . -65.83 23.38 -31.93
C3 MAN E . -64.98 22.25 -31.40
C4 MAN E . -63.95 21.84 -32.44
C5 MAN E . -63.11 23.04 -32.85
C6 MAN E . -62.13 22.73 -33.95
O2 MAN E . -66.65 22.95 -33.01
O3 MAN E . -65.80 21.13 -31.06
O4 MAN E . -63.10 20.83 -31.90
O5 MAN E . -63.98 24.09 -33.33
O6 MAN E . -61.28 23.85 -34.22
C1 MAN E . -63.84 29.66 -28.48
C2 MAN E . -64.22 28.58 -27.51
C3 MAN E . -65.44 28.98 -26.71
C4 MAN E . -65.24 30.34 -26.09
C5 MAN E . -64.77 31.37 -27.12
C6 MAN E . -64.39 32.69 -26.50
O2 MAN E . -63.13 28.28 -26.65
O3 MAN E . -65.66 28.01 -25.70
O4 MAN E . -66.46 30.78 -25.51
O5 MAN E . -63.61 30.89 -27.80
O6 MAN E . -65.53 33.38 -26.01
O1 MES F . 10.67 14.48 -4.22
C2 MES F . 10.36 13.27 -4.90
C3 MES F . 11.31 12.17 -4.50
N4 MES F . 12.72 12.57 -4.77
C5 MES F . 12.99 13.89 -4.13
C6 MES F . 11.97 14.90 -4.59
C7 MES F . 13.69 11.52 -4.30
C8 MES F . 15.11 12.02 -4.17
S MES F . 15.65 12.14 -2.48
O1S MES F . 17.08 11.92 -2.50
O2S MES F . 14.96 11.11 -1.78
O3S MES F . 15.29 13.45 -2.04
C1 GOL G . 27.44 -5.42 33.61
O1 GOL G . 26.11 -5.83 33.88
C2 GOL G . 27.77 -4.11 34.30
O2 GOL G . 28.97 -3.56 33.77
C3 GOL G . 26.65 -3.09 34.22
O3 GOL G . 25.72 -3.25 35.30
C1 GOL H . -10.13 -20.47 -2.49
O1 GOL H . -11.31 -19.87 -1.96
C2 GOL H . -8.93 -20.18 -1.61
O2 GOL H . -8.76 -21.21 -0.63
C3 GOL H . -7.65 -19.99 -2.40
O3 GOL H . -7.43 -21.06 -3.31
CA CA I . -47.94 14.13 -22.14
#